data_7C8D
#
_entry.id   7C8D
#
_cell.length_a   1.00
_cell.length_b   1.00
_cell.length_c   1.00
_cell.angle_alpha   90.00
_cell.angle_beta   90.00
_cell.angle_gamma   90.00
#
_symmetry.space_group_name_H-M   'P 1'
#
loop_
_entity.id
_entity.type
_entity.pdbx_description
1 polymer 'Angiotensin-converting enzyme 2'
2 polymer 'Spike protein S1'
3 non-polymer 'ZINC ION'
#
loop_
_entity_poly.entity_id
_entity_poly.type
_entity_poly.pdbx_seq_one_letter_code
_entity_poly.pdbx_strand_id
1 'polypeptide(L)'
;MQSTTEELAKTFLEKFNHEAEELSYQSSLASWNYNTNITDENVQKMNEAGAKWSAFYEEQSKLAKTYPLAEIHNTTVKRQ
LQALQQSGSSVLSADKSQRLNTILNAMSTIYSTGKACNPNNPQECLLLEPGLDDIMENSKDYNERLWAWEGWRAEVGKQL
RPLYEEYVALKNEMARANNYEDYGDYWRGDYEEEWTDGYNYSRSQLIKDVEHTFTQIKPLYQHLHAYVRAKLMDTYPSRI
SPTGCLPAHLLGDMWGRFWTNLYPLTVPFGQKPNIDVTDAMVNQSWDARRIFKEAEKFFVSVGLPNMTQGFWENSMLTEP
GDSRKVVCHPTAWDLGKGDFRIKMCTKVTMDDFLTAHHEMGHIQYDMAYAVQPFLLRNGANEGFHEAVGEIMSLSAATPN
HLKTIGLLSPGFSEDSETEINFLLKQALTIVGTLPFTYMLEKWRWMVFKGEIPKEQWMQKWWEMKREIVGVVEPVPHDET
YCDPASLFHVANDYSFIRYYTRTIYQFQFQEALCRIAKHEGPLHKCDISNSSEAGKKLLQMLTLGKSKPWTLALEHVVGE
KKMNVTPLLKYFEPLFTWLKEQNRNSFVGWNTDWRPYADQSIKVRISLKSALGDEAYEWNDNEMYLFRSSVAYAMREYFS
KVKNQTIPFVEDNVWVSNLKPRISFNFFVTASKNVSDVIPRSEVEEAIRMSRSRINDAFRLDDNSLEFLGIQPTLSPPYQ
PPVTHHHHHHHH
;
A
2 'polypeptide(L)'
;TNLCPFGEVFNATRFASVYAWNRKRISNCVADYSVLYNSASFSTFKCYGVSPTKLNDLCFTNVYADSFVIRGDEVRQIAP
GQTGKIADYNYKLPDDFTGCVIAWNSNNLDSKVGGNYNYLYRLFRKSNLKPFERDISTEIYQAGSTPCNGVEGFNCYFPL
QSYGFQPTNGVGYQPYRVVVLSFELLHAPATVCGP
;
B
#
loop_
_chem_comp.id
_chem_comp.type
_chem_comp.name
_chem_comp.formula
ZN non-polymer 'ZINC ION' 'Zn 2'
#
# COMPACT_ATOMS: atom_id res chain seq x y z
N GLN A 2 5.53 8.65 40.26
CA GLN A 2 4.40 8.22 39.43
C GLN A 2 4.88 7.80 38.06
N SER A 3 3.99 7.87 37.07
CA SER A 3 4.31 7.54 35.70
C SER A 3 4.43 8.82 34.86
N THR A 4 4.88 8.66 33.63
CA THR A 4 5.03 9.77 32.71
C THR A 4 3.91 9.74 31.68
N THR A 5 3.96 10.66 30.71
CA THR A 5 3.02 10.63 29.60
C THR A 5 3.34 9.48 28.65
N GLU A 6 4.62 9.25 28.39
CA GLU A 6 5.01 8.17 27.49
C GLU A 6 4.64 6.82 28.07
N GLU A 7 4.78 6.65 29.39
CA GLU A 7 4.41 5.39 30.00
C GLU A 7 2.91 5.14 29.91
N LEU A 8 2.11 6.19 29.83
CA LEU A 8 0.67 6.04 29.64
C LEU A 8 0.30 5.93 28.17
N ALA A 9 1.01 6.66 27.30
CA ALA A 9 0.76 6.58 25.87
C ALA A 9 1.12 5.22 25.29
N LYS A 10 2.22 4.60 25.76
CA LYS A 10 2.54 3.25 25.34
C LYS A 10 1.45 2.28 25.74
N THR A 11 0.91 2.42 26.95
CA THR A 11 -0.18 1.55 27.39
C THR A 11 -1.43 1.77 26.55
N PHE A 12 -1.71 3.03 26.20
CA PHE A 12 -2.90 3.32 25.41
C PHE A 12 -2.76 2.79 23.98
N LEU A 13 -1.55 2.79 23.43
CA LEU A 13 -1.36 2.31 22.08
C LEU A 13 -1.27 0.80 22.00
N GLU A 14 -0.91 0.13 23.10
CA GLU A 14 -0.96 -1.33 23.13
C GLU A 14 -2.37 -1.86 23.20
N LYS A 15 -3.30 -1.09 23.75
CA LYS A 15 -4.72 -1.45 23.73
C LYS A 15 -5.39 -1.05 22.42
N PHE A 16 -4.93 0.00 21.77
CA PHE A 16 -5.50 0.40 20.49
C PHE A 16 -5.14 -0.58 19.38
N ASN A 17 -3.95 -1.18 19.44
CA ASN A 17 -3.48 -2.01 18.34
C ASN A 17 -4.23 -3.34 18.28
N HIS A 18 -4.39 -4.00 19.42
CA HIS A 18 -5.02 -5.31 19.46
C HIS A 18 -6.54 -5.24 19.35
N GLU A 19 -7.09 -4.04 19.14
CA GLU A 19 -8.48 -3.85 18.74
C GLU A 19 -8.61 -3.39 17.31
N ALA A 20 -7.77 -2.43 16.90
CA ALA A 20 -7.78 -1.98 15.51
C ALA A 20 -7.40 -3.11 14.56
N GLU A 21 -6.52 -4.02 14.98
CA GLU A 21 -6.19 -5.19 14.17
C GLU A 21 -7.45 -5.94 13.76
N GLU A 22 -8.24 -6.38 14.73
CA GLU A 22 -9.43 -7.16 14.43
C GLU A 22 -10.49 -6.32 13.73
N LEU A 23 -10.69 -5.08 14.18
CA LEU A 23 -11.76 -4.27 13.61
C LEU A 23 -11.45 -3.78 12.21
N SER A 24 -10.19 -3.79 11.80
CA SER A 24 -9.85 -3.48 10.42
C SER A 24 -9.79 -4.73 9.57
N TYR A 25 -9.37 -5.86 10.13
CA TYR A 25 -9.41 -7.11 9.38
C TYR A 25 -10.84 -7.51 9.05
N GLN A 26 -11.79 -7.24 9.95
CA GLN A 26 -13.19 -7.55 9.66
C GLN A 26 -13.69 -6.72 8.48
N SER A 27 -13.39 -5.42 8.49
CA SER A 27 -13.82 -4.56 7.39
C SER A 27 -13.15 -4.96 6.09
N SER A 28 -11.87 -5.33 6.14
CA SER A 28 -11.17 -5.73 4.93
C SER A 28 -11.73 -7.03 4.37
N LEU A 29 -12.03 -8.00 5.24
CA LEU A 29 -12.64 -9.24 4.79
C LEU A 29 -14.02 -8.99 4.20
N ALA A 30 -14.78 -8.08 4.78
CA ALA A 30 -16.10 -7.75 4.25
C ALA A 30 -15.99 -7.13 2.87
N SER A 31 -15.10 -6.14 2.71
CA SER A 31 -14.92 -5.50 1.41
C SER A 31 -14.39 -6.48 0.37
N TRP A 32 -13.53 -7.42 0.78
CA TRP A 32 -13.03 -8.42 -0.14
C TRP A 32 -14.14 -9.37 -0.58
N ASN A 33 -14.96 -9.82 0.37
CA ASN A 33 -16.08 -10.69 0.02
C ASN A 33 -17.07 -9.97 -0.89
N TYR A 34 -17.20 -8.65 -0.74
CA TYR A 34 -18.06 -7.90 -1.64
C TYR A 34 -17.44 -7.81 -3.03
N ASN A 35 -16.15 -7.49 -3.12
CA ASN A 35 -15.52 -7.29 -4.41
C ASN A 35 -15.41 -8.61 -5.19
N THR A 36 -15.22 -9.73 -4.50
CA THR A 36 -15.11 -11.02 -5.16
C THR A 36 -16.47 -11.61 -5.49
N ASN A 37 -17.55 -11.10 -4.90
CA ASN A 37 -18.90 -11.57 -5.20
C ASN A 37 -19.87 -10.43 -4.88
N ILE A 38 -20.34 -9.75 -5.91
CA ILE A 38 -21.23 -8.60 -5.73
C ILE A 38 -22.65 -9.11 -5.54
N THR A 39 -23.18 -8.96 -4.32
CA THR A 39 -24.57 -9.24 -4.02
C THR A 39 -25.19 -8.02 -3.37
N ASP A 40 -26.40 -8.16 -2.83
CA ASP A 40 -27.01 -7.05 -2.10
C ASP A 40 -26.71 -7.11 -0.61
N GLU A 41 -26.69 -8.31 -0.03
CA GLU A 41 -26.36 -8.46 1.37
C GLU A 41 -24.87 -8.27 1.65
N ASN A 42 -24.02 -8.53 0.66
CA ASN A 42 -22.59 -8.26 0.83
C ASN A 42 -22.34 -6.77 1.06
N VAL A 43 -23.09 -5.92 0.35
CA VAL A 43 -22.99 -4.49 0.57
C VAL A 43 -23.38 -4.14 2.00
N GLN A 44 -24.43 -4.79 2.52
CA GLN A 44 -24.86 -4.53 3.89
C GLN A 44 -23.78 -4.93 4.89
N LYS A 45 -23.20 -6.12 4.73
CA LYS A 45 -22.15 -6.56 5.64
C LYS A 45 -20.94 -5.64 5.55
N MET A 46 -20.55 -5.25 4.35
CA MET A 46 -19.41 -4.35 4.18
C MET A 46 -19.67 -3.01 4.84
N ASN A 47 -20.87 -2.45 4.67
CA ASN A 47 -21.18 -1.17 5.30
C ASN A 47 -21.19 -1.28 6.81
N GLU A 48 -21.73 -2.39 7.34
CA GLU A 48 -21.74 -2.57 8.79
C GLU A 48 -20.31 -2.63 9.34
N ALA A 49 -19.45 -3.43 8.72
CA ALA A 49 -18.08 -3.55 9.19
C ALA A 49 -17.33 -2.23 9.07
N GLY A 50 -17.51 -1.52 7.96
CA GLY A 50 -16.83 -0.25 7.79
C GLY A 50 -17.29 0.79 8.79
N ALA A 51 -18.60 0.83 9.07
CA ALA A 51 -19.11 1.77 10.06
C ALA A 51 -18.58 1.45 11.44
N LYS A 52 -18.54 0.17 11.82
CA LYS A 52 -17.98 -0.21 13.11
C LYS A 52 -16.53 0.23 13.22
N TRP A 53 -15.72 -0.08 12.20
CA TRP A 53 -14.31 0.26 12.24
C TRP A 53 -14.10 1.76 12.30
N SER A 54 -14.87 2.52 11.52
CA SER A 54 -14.70 3.97 11.53
C SER A 54 -15.12 4.58 12.86
N ALA A 55 -16.22 4.10 13.45
CA ALA A 55 -16.65 4.61 14.75
C ALA A 55 -15.60 4.33 15.82
N PHE A 56 -15.06 3.10 15.83
CA PHE A 56 -14.02 2.78 16.81
C PHE A 56 -12.79 3.64 16.60
N TYR A 57 -12.37 3.82 15.35
CA TYR A 57 -11.19 4.63 15.08
C TYR A 57 -11.40 6.08 15.51
N GLU A 58 -12.60 6.61 15.29
CA GLU A 58 -12.88 7.99 15.71
C GLU A 58 -12.87 8.11 17.22
N GLU A 59 -13.45 7.13 17.92
CA GLU A 59 -13.43 7.16 19.37
C GLU A 59 -12.00 7.10 19.92
N GLN A 60 -11.16 6.25 19.32
CA GLN A 60 -9.78 6.16 19.80
C GLN A 60 -8.98 7.40 19.43
N SER A 61 -9.26 8.01 18.28
CA SER A 61 -8.64 9.27 17.93
C SER A 61 -9.00 10.36 18.94
N LYS A 62 -10.26 10.38 19.36
CA LYS A 62 -10.67 11.35 20.38
C LYS A 62 -9.96 11.07 21.71
N LEU A 63 -9.84 9.80 22.08
CA LEU A 63 -9.14 9.45 23.31
C LEU A 63 -7.65 9.75 23.25
N ALA A 64 -7.06 9.76 22.06
CA ALA A 64 -5.61 9.90 21.94
C ALA A 64 -5.14 11.32 22.24
N LYS A 65 -5.95 12.33 21.87
CA LYS A 65 -5.52 13.71 22.03
C LYS A 65 -5.44 14.13 23.49
N THR A 66 -5.82 13.26 24.42
CA THR A 66 -5.71 13.56 25.85
C THR A 66 -4.24 13.50 26.29
N TYR A 67 -3.36 13.10 25.38
CA TYR A 67 -1.93 13.09 25.62
C TYR A 67 -1.25 14.09 24.70
N PRO A 68 -0.57 15.09 25.24
CA PRO A 68 0.17 16.03 24.39
C PRO A 68 1.54 15.49 24.00
N LEU A 69 1.91 15.75 22.75
CA LEU A 69 3.18 15.26 22.23
C LEU A 69 4.38 16.00 22.80
N ALA A 70 4.17 17.19 23.39
CA ALA A 70 5.27 17.92 23.99
C ALA A 70 5.88 17.17 25.16
N GLU A 71 5.07 16.37 25.86
CA GLU A 71 5.54 15.58 27.00
C GLU A 71 5.98 14.17 26.60
N ILE A 72 6.17 13.92 25.31
CA ILE A 72 6.55 12.61 24.80
C ILE A 72 7.88 12.74 24.07
N HIS A 73 8.83 11.89 24.44
CA HIS A 73 10.19 11.97 23.89
C HIS A 73 10.52 10.82 22.94
N ASN A 74 10.04 9.62 23.21
CA ASN A 74 10.32 8.48 22.33
C ASN A 74 9.60 8.68 21.00
N THR A 75 10.38 8.73 19.91
CA THR A 75 9.80 9.01 18.60
C THR A 75 9.01 7.82 18.06
N THR A 76 9.38 6.60 18.44
CA THR A 76 8.65 5.42 17.97
C THR A 76 7.22 5.38 18.50
N VAL A 77 6.95 6.04 19.61
CA VAL A 77 5.60 6.14 20.15
C VAL A 77 5.00 7.46 19.69
N LYS A 78 5.86 8.46 19.52
CA LYS A 78 5.41 9.79 19.10
C LYS A 78 4.75 9.74 17.75
N ARG A 79 5.30 8.96 16.81
CA ARG A 79 4.75 8.91 15.47
C ARG A 79 3.39 8.20 15.46
N GLN A 80 3.25 7.14 16.25
CA GLN A 80 1.95 6.47 16.34
C GLN A 80 0.91 7.38 16.97
N LEU A 81 1.29 8.11 18.02
CA LEU A 81 0.37 9.05 18.64
C LEU A 81 -0.02 10.15 17.66
N GLN A 82 0.93 10.62 16.85
CA GLN A 82 0.63 11.68 15.89
C GLN A 82 -0.29 11.17 14.78
N ALA A 83 -0.10 9.92 14.36
CA ALA A 83 -0.97 9.34 13.36
C ALA A 83 -2.37 9.10 13.90
N LEU A 84 -2.48 8.79 15.19
CA LEU A 84 -3.79 8.56 15.78
C LEU A 84 -4.51 9.85 16.18
N GLN A 85 -3.78 10.93 16.45
CA GLN A 85 -4.39 12.16 16.90
C GLN A 85 -5.06 12.95 15.79
N GLN A 86 -4.74 12.65 14.53
CA GLN A 86 -5.36 13.35 13.41
C GLN A 86 -6.87 13.17 13.44
N SER A 87 -7.59 14.26 13.68
CA SER A 87 -9.02 14.22 13.91
C SER A 87 -9.84 14.22 12.62
N GLY A 88 -9.23 14.53 11.49
CA GLY A 88 -9.98 14.68 10.26
C GLY A 88 -11.04 15.75 10.37
N SER A 89 -12.31 15.38 10.16
CA SER A 89 -13.42 16.32 10.25
C SER A 89 -14.18 16.17 11.56
N SER A 90 -13.60 15.51 12.56
CA SER A 90 -14.24 15.35 13.86
C SER A 90 -14.12 16.58 14.73
N VAL A 91 -13.72 17.72 14.19
CA VAL A 91 -13.56 18.94 14.98
C VAL A 91 -14.67 19.95 14.75
N LEU A 92 -15.28 19.98 13.56
CA LEU A 92 -16.36 20.91 13.32
C LEU A 92 -17.62 20.47 14.07
N SER A 93 -18.60 21.37 14.13
CA SER A 93 -19.88 21.04 14.70
C SER A 93 -20.56 19.94 13.90
N ALA A 94 -21.48 19.22 14.53
CA ALA A 94 -22.18 18.13 13.85
C ALA A 94 -22.91 18.63 12.62
N ASP A 95 -23.46 19.85 12.68
CA ASP A 95 -24.10 20.43 11.52
C ASP A 95 -23.14 20.53 10.33
N LYS A 96 -22.00 21.18 10.54
CA LYS A 96 -21.03 21.32 9.46
C LYS A 96 -20.34 20.01 9.13
N SER A 97 -20.11 19.16 10.13
CA SER A 97 -19.50 17.86 9.87
C SER A 97 -20.41 16.95 9.06
N GLN A 98 -21.72 17.15 9.12
CA GLN A 98 -22.65 16.42 8.27
C GLN A 98 -22.84 17.10 6.91
N ARG A 99 -22.81 18.43 6.88
CA ARG A 99 -22.91 19.14 5.61
C ARG A 99 -21.72 18.81 4.72
N LEU A 100 -20.51 18.78 5.29
CA LEU A 100 -19.33 18.43 4.50
C LEU A 100 -19.43 17.01 3.97
N ASN A 101 -19.92 16.07 4.79
CA ASN A 101 -20.00 14.69 4.35
C ASN A 101 -21.04 14.51 3.25
N THR A 102 -22.18 15.18 3.37
CA THR A 102 -23.18 15.07 2.31
C THR A 102 -22.73 15.79 1.05
N ILE A 103 -21.95 16.86 1.17
CA ILE A 103 -21.39 17.51 -0.01
C ILE A 103 -20.37 16.60 -0.70
N LEU A 104 -19.54 15.92 0.10
CA LEU A 104 -18.60 14.96 -0.47
C LEU A 104 -19.33 13.84 -1.19
N ASN A 105 -20.38 13.30 -0.56
CA ASN A 105 -21.14 12.23 -1.20
C ASN A 105 -21.81 12.71 -2.48
N ALA A 106 -22.35 13.92 -2.48
CA ALA A 106 -22.97 14.46 -3.68
C ALA A 106 -21.95 14.63 -4.79
N MET A 107 -20.77 15.17 -4.47
CA MET A 107 -19.73 15.37 -5.49
C MET A 107 -19.24 14.03 -6.02
N SER A 108 -19.13 13.02 -5.17
CA SER A 108 -18.64 11.73 -5.61
C SER A 108 -19.67 10.92 -6.38
N THR A 109 -20.97 11.16 -6.16
CA THR A 109 -21.99 10.44 -6.90
C THR A 109 -22.45 11.18 -8.15
N ILE A 110 -22.20 12.49 -8.26
CA ILE A 110 -22.54 13.20 -9.48
C ILE A 110 -21.46 13.03 -10.53
N TYR A 111 -20.26 12.62 -10.11
CA TYR A 111 -19.18 12.36 -11.07
C TYR A 111 -19.37 11.01 -11.75
N SER A 112 -19.83 10.00 -11.01
CA SER A 112 -20.04 8.66 -11.55
C SER A 112 -21.38 8.51 -12.25
N THR A 113 -22.23 9.54 -12.24
CA THR A 113 -23.55 9.46 -12.85
C THR A 113 -23.75 10.45 -13.99
N GLY A 114 -22.93 11.50 -14.08
CA GLY A 114 -23.13 12.49 -15.11
C GLY A 114 -22.84 11.94 -16.49
N LYS A 115 -23.58 12.46 -17.47
CA LYS A 115 -23.42 12.07 -18.86
C LYS A 115 -23.22 13.32 -19.71
N ALA A 116 -22.88 13.11 -20.98
CA ALA A 116 -22.64 14.20 -21.92
C ALA A 116 -23.21 13.83 -23.27
N CYS A 117 -23.92 14.78 -23.89
CA CYS A 117 -24.52 14.61 -25.20
C CYS A 117 -24.45 15.88 -26.04
N ASN A 118 -24.08 15.70 -27.31
CA ASN A 118 -23.79 16.78 -28.22
C ASN A 118 -25.00 17.09 -29.10
N PRO A 119 -24.96 18.20 -29.84
CA PRO A 119 -25.96 18.42 -30.89
C PRO A 119 -25.81 17.39 -32.00
N ASN A 120 -26.75 17.43 -32.93
CA ASN A 120 -26.87 16.55 -34.10
C ASN A 120 -27.25 15.13 -33.73
N ASN A 121 -27.33 14.79 -32.44
CA ASN A 121 -27.75 13.47 -32.01
C ASN A 121 -28.16 13.51 -30.53
N PRO A 122 -29.36 13.98 -30.21
CA PRO A 122 -29.77 14.07 -28.80
C PRO A 122 -29.80 12.73 -28.09
N GLN A 123 -29.86 11.62 -28.82
CA GLN A 123 -29.84 10.30 -28.20
C GLN A 123 -28.43 9.82 -27.89
N GLU A 124 -27.43 10.36 -28.59
CA GLU A 124 -26.03 10.04 -28.35
C GLU A 124 -25.57 10.75 -27.08
N CYS A 125 -26.04 10.24 -25.94
CA CYS A 125 -25.80 10.90 -24.66
C CYS A 125 -25.26 9.85 -23.70
N LEU A 126 -23.94 9.84 -23.54
CA LEU A 126 -23.21 8.75 -22.91
C LEU A 126 -22.44 9.24 -21.69
N LEU A 127 -22.13 8.31 -20.80
CA LEU A 127 -21.37 8.61 -19.60
C LEU A 127 -19.89 8.81 -19.94
N LEU A 128 -19.11 9.20 -18.92
CA LEU A 128 -17.66 9.33 -19.11
C LEU A 128 -17.05 7.98 -19.46
N GLU A 129 -17.42 6.94 -18.72
CA GLU A 129 -17.01 5.57 -19.01
C GLU A 129 -18.23 4.75 -19.36
N PRO A 130 -18.19 3.97 -20.45
CA PRO A 130 -17.08 3.93 -21.41
C PRO A 130 -17.36 4.81 -22.63
N GLY A 131 -18.38 5.65 -22.54
CA GLY A 131 -18.76 6.50 -23.65
C GLY A 131 -17.70 7.51 -24.01
N LEU A 132 -17.44 8.47 -23.13
CA LEU A 132 -16.45 9.49 -23.41
C LEU A 132 -15.03 8.96 -23.25
N ASP A 133 -14.85 7.91 -22.44
CA ASP A 133 -13.52 7.32 -22.28
C ASP A 133 -13.01 6.79 -23.60
N ASP A 134 -13.81 5.98 -24.29
CA ASP A 134 -13.38 5.42 -25.57
C ASP A 134 -13.12 6.52 -26.58
N ILE A 135 -13.94 7.56 -26.57
CA ILE A 135 -13.74 8.67 -27.50
C ILE A 135 -12.39 9.33 -27.25
N MET A 136 -12.15 9.79 -26.02
CA MET A 136 -10.92 10.50 -25.72
C MET A 136 -9.69 9.60 -25.77
N GLU A 137 -9.87 8.28 -25.72
CA GLU A 137 -8.74 7.36 -25.72
C GLU A 137 -8.38 6.82 -27.10
N ASN A 138 -9.34 6.70 -28.01
CA ASN A 138 -9.09 6.06 -29.29
C ASN A 138 -9.35 6.94 -30.51
N SER A 139 -10.29 7.87 -30.43
CA SER A 139 -10.69 8.63 -31.61
C SER A 139 -9.56 9.54 -32.10
N LYS A 140 -9.60 9.86 -33.39
CA LYS A 140 -8.63 10.74 -34.02
C LYS A 140 -9.29 11.92 -34.72
N ASP A 141 -10.59 12.11 -34.55
CA ASP A 141 -11.31 13.23 -35.13
C ASP A 141 -11.26 14.42 -34.18
N TYR A 142 -11.09 15.62 -34.74
CA TYR A 142 -11.02 16.82 -33.92
C TYR A 142 -12.34 17.09 -33.21
N ASN A 143 -13.42 17.26 -33.99
CA ASN A 143 -14.70 17.62 -33.40
C ASN A 143 -15.24 16.53 -32.49
N GLU A 144 -14.96 15.26 -32.80
CA GLU A 144 -15.45 14.16 -31.98
C GLU A 144 -14.83 14.19 -30.59
N ARG A 145 -13.56 14.57 -30.49
CA ARG A 145 -12.95 14.72 -29.17
C ARG A 145 -13.37 16.02 -28.50
N LEU A 146 -13.55 17.07 -29.30
CA LEU A 146 -13.88 18.38 -28.74
C LEU A 146 -15.24 18.38 -28.08
N TRP A 147 -16.24 17.80 -28.75
CA TRP A 147 -17.59 17.80 -28.16
C TRP A 147 -17.63 16.98 -26.88
N ALA A 148 -16.92 15.85 -26.85
CA ALA A 148 -16.89 15.03 -25.64
C ALA A 148 -16.20 15.77 -24.50
N TRP A 149 -15.06 16.41 -24.78
CA TRP A 149 -14.34 17.18 -23.77
C TRP A 149 -15.23 18.28 -23.19
N GLU A 150 -15.77 19.13 -24.07
CA GLU A 150 -16.57 20.25 -23.60
C GLU A 150 -17.86 19.80 -22.93
N GLY A 151 -18.45 18.69 -23.39
CA GLY A 151 -19.66 18.19 -22.74
C GLY A 151 -19.39 17.68 -21.35
N TRP A 152 -18.33 16.88 -21.19
CA TRP A 152 -18.00 16.39 -19.86
C TRP A 152 -17.61 17.52 -18.92
N ARG A 153 -17.05 18.61 -19.45
CA ARG A 153 -16.69 19.72 -18.58
C ARG A 153 -17.84 20.69 -18.33
N ALA A 154 -18.85 20.70 -19.19
CA ALA A 154 -19.97 21.63 -19.05
C ALA A 154 -21.17 21.05 -18.33
N GLU A 155 -21.58 19.83 -18.65
CA GLU A 155 -22.72 19.23 -17.98
C GLU A 155 -22.36 18.53 -16.68
N VAL A 156 -21.08 18.50 -16.31
CA VAL A 156 -20.66 17.92 -15.05
C VAL A 156 -19.90 18.91 -14.17
N GLY A 157 -18.96 19.69 -14.74
CA GLY A 157 -18.21 20.63 -13.94
C GLY A 157 -19.04 21.81 -13.44
N LYS A 158 -19.95 22.30 -14.28
CA LYS A 158 -20.83 23.38 -13.86
C LYS A 158 -21.73 22.98 -12.69
N GLN A 159 -22.04 21.69 -12.57
CA GLN A 159 -22.77 21.19 -11.42
C GLN A 159 -21.88 20.94 -10.21
N LEU A 160 -20.56 20.97 -10.38
CA LEU A 160 -19.64 20.75 -9.28
C LEU A 160 -19.01 22.04 -8.77
N ARG A 161 -19.11 23.14 -9.52
CA ARG A 161 -18.50 24.39 -9.09
C ARG A 161 -19.00 24.88 -7.74
N PRO A 162 -20.31 25.03 -7.50
CA PRO A 162 -20.74 25.53 -6.18
C PRO A 162 -20.48 24.53 -5.07
N LEU A 163 -20.68 23.24 -5.35
CA LEU A 163 -20.32 22.22 -4.38
C LEU A 163 -18.83 22.28 -4.04
N TYR A 164 -17.98 22.54 -5.04
CA TYR A 164 -16.56 22.63 -4.77
C TYR A 164 -16.22 23.89 -3.99
N GLU A 165 -16.93 24.99 -4.22
CA GLU A 165 -16.69 26.19 -3.42
C GLU A 165 -17.03 25.96 -1.96
N GLU A 166 -18.23 25.43 -1.70
CA GLU A 166 -18.62 25.14 -0.32
C GLU A 166 -17.70 24.10 0.31
N TYR A 167 -17.24 23.13 -0.47
CA TYR A 167 -16.33 22.12 0.04
C TYR A 167 -14.98 22.72 0.39
N VAL A 168 -14.48 23.63 -0.44
CA VAL A 168 -13.23 24.32 -0.14
C VAL A 168 -13.37 25.11 1.15
N ALA A 169 -14.50 25.82 1.31
CA ALA A 169 -14.71 26.60 2.53
C ALA A 169 -14.73 25.70 3.76
N LEU A 170 -15.50 24.61 3.71
CA LEU A 170 -15.61 23.73 4.87
C LEU A 170 -14.29 23.03 5.16
N LYS A 171 -13.54 22.66 4.14
CA LYS A 171 -12.25 22.01 4.35
C LYS A 171 -11.24 22.99 4.94
N ASN A 172 -11.29 24.26 4.51
CA ASN A 172 -10.43 25.27 5.11
C ASN A 172 -10.78 25.48 6.58
N GLU A 173 -12.08 25.50 6.90
CA GLU A 173 -12.48 25.59 8.30
C GLU A 173 -11.97 24.41 9.11
N MET A 174 -12.10 23.20 8.55
CA MET A 174 -11.63 22.00 9.23
C MET A 174 -10.12 22.06 9.47
N ALA A 175 -9.37 22.47 8.46
CA ALA A 175 -7.92 22.52 8.59
C ALA A 175 -7.48 23.58 9.59
N ARG A 176 -8.13 24.75 9.57
CA ARG A 176 -7.81 25.79 10.53
C ARG A 176 -8.15 25.34 11.95
N ALA A 177 -9.20 24.56 12.11
CA ALA A 177 -9.52 24.01 13.42
C ALA A 177 -8.54 22.91 13.83
N ASN A 178 -7.93 22.23 12.88
CA ASN A 178 -6.91 21.22 13.16
C ASN A 178 -5.52 21.82 13.33
N ASN A 179 -5.42 23.13 13.54
CA ASN A 179 -4.15 23.83 13.69
C ASN A 179 -3.29 23.72 12.43
N TYR A 180 -3.85 24.21 11.32
CA TYR A 180 -3.17 24.27 10.05
C TYR A 180 -3.43 25.63 9.42
N GLU A 181 -2.77 25.90 8.30
CA GLU A 181 -3.02 27.13 7.57
C GLU A 181 -4.27 27.00 6.71
N ASP A 182 -4.30 26.01 5.83
CA ASP A 182 -5.47 25.72 5.01
C ASP A 182 -5.49 24.22 4.73
N TYR A 183 -6.36 23.80 3.81
CA TYR A 183 -6.46 22.38 3.50
C TYR A 183 -5.28 21.90 2.66
N GLY A 184 -4.69 22.77 1.85
CA GLY A 184 -3.48 22.39 1.13
C GLY A 184 -2.33 22.13 2.07
N ASP A 185 -2.21 22.93 3.13
CA ASP A 185 -1.22 22.66 4.17
C ASP A 185 -1.52 21.33 4.86
N TYR A 186 -2.80 21.05 5.11
CA TYR A 186 -3.20 19.77 5.67
C TYR A 186 -2.75 18.62 4.78
N TRP A 187 -2.88 18.78 3.46
CA TRP A 187 -2.47 17.72 2.54
C TRP A 187 -0.95 17.57 2.51
N ARG A 188 -0.23 18.70 2.49
CA ARG A 188 1.23 18.64 2.55
C ARG A 188 1.73 18.05 3.85
N GLY A 189 0.90 18.05 4.89
CA GLY A 189 1.26 17.46 6.16
C GLY A 189 1.76 16.02 6.12
N ASP A 190 1.52 15.30 5.03
CA ASP A 190 2.04 13.94 4.92
C ASP A 190 3.54 13.92 4.69
N TYR A 191 4.10 15.00 4.14
CA TYR A 191 5.54 15.12 3.96
C TYR A 191 6.22 15.83 5.13
N GLU A 192 5.45 16.39 6.06
CA GLU A 192 6.01 17.03 7.23
C GLU A 192 6.81 16.04 8.06
N GLU A 193 7.99 16.46 8.51
CA GLU A 193 8.87 15.61 9.29
C GLU A 193 9.44 16.41 10.45
N GLU A 194 9.29 15.86 11.66
CA GLU A 194 9.85 16.47 12.87
C GLU A 194 10.40 15.34 13.74
N TRP A 195 10.72 15.68 14.99
CA TRP A 195 11.20 14.71 15.98
C TRP A 195 12.47 14.00 15.54
N THR A 196 13.21 14.61 14.63
CA THR A 196 14.48 14.05 14.16
C THR A 196 15.31 15.18 13.57
N ASP A 197 16.51 15.38 14.09
CA ASP A 197 17.40 16.43 13.62
C ASP A 197 18.28 15.89 12.51
N GLY A 198 18.45 16.69 11.45
CA GLY A 198 19.19 16.30 10.27
C GLY A 198 18.30 15.84 9.13
N TYR A 199 17.17 15.19 9.45
CA TYR A 199 16.24 14.71 8.45
C TYR A 199 14.87 15.38 8.56
N ASN A 200 14.81 16.55 9.20
CA ASN A 200 13.55 17.26 9.34
C ASN A 200 13.11 17.82 7.99
N TYR A 201 11.80 17.80 7.75
CA TYR A 201 11.23 18.26 6.50
C TYR A 201 9.96 19.04 6.81
N SER A 202 9.92 20.30 6.37
CA SER A 202 8.78 21.16 6.62
C SER A 202 7.73 21.03 5.53
N ARG A 203 6.52 21.50 5.82
CA ARG A 203 5.45 21.47 4.84
C ARG A 203 5.66 22.53 3.77
N SER A 204 6.42 23.57 4.08
CA SER A 204 6.76 24.56 3.06
C SER A 204 7.98 24.14 2.25
N GLN A 205 8.81 23.26 2.80
CA GLN A 205 9.97 22.77 2.04
C GLN A 205 9.53 21.92 0.87
N LEU A 206 8.38 21.24 0.98
CA LEU A 206 7.90 20.42 -0.12
C LEU A 206 7.58 21.26 -1.34
N ILE A 207 7.04 22.45 -1.15
CA ILE A 207 6.76 23.33 -2.29
C ILE A 207 8.05 23.70 -2.99
N LYS A 208 9.08 24.07 -2.22
CA LYS A 208 10.36 24.45 -2.83
C LYS A 208 10.98 23.28 -3.57
N ASP A 209 10.90 22.08 -2.99
CA ASP A 209 11.50 20.91 -3.63
C ASP A 209 10.77 20.56 -4.91
N VAL A 210 9.43 20.55 -4.88
CA VAL A 210 8.66 20.21 -6.06
C VAL A 210 8.85 21.27 -7.14
N GLU A 211 9.03 22.53 -6.76
CA GLU A 211 9.24 23.59 -7.74
C GLU A 211 10.66 23.57 -8.30
N HIS A 212 11.61 23.05 -7.54
CA HIS A 212 12.99 22.99 -8.02
C HIS A 212 13.22 21.78 -8.93
N THR A 213 12.71 20.61 -8.52
CA THR A 213 12.87 19.41 -9.35
C THR A 213 12.07 19.51 -10.63
N PHE A 214 11.11 20.42 -10.72
CA PHE A 214 10.39 20.63 -11.96
C PHE A 214 11.16 21.50 -12.93
N THR A 215 11.95 22.47 -12.42
CA THR A 215 12.74 23.30 -13.31
C THR A 215 13.85 22.50 -13.98
N GLN A 216 14.19 21.33 -13.44
CA GLN A 216 15.18 20.48 -14.07
C GLN A 216 14.59 19.65 -15.21
N ILE A 217 13.35 19.18 -15.05
CA ILE A 217 12.70 18.40 -16.11
C ILE A 217 12.15 19.29 -17.21
N LYS A 218 12.20 20.61 -17.05
CA LYS A 218 11.64 21.51 -18.05
C LYS A 218 12.29 21.39 -19.43
N PRO A 219 13.62 21.27 -19.57
CA PRO A 219 14.17 21.06 -20.92
C PRO A 219 13.76 19.74 -21.55
N LEU A 220 13.82 18.64 -20.79
CA LEU A 220 13.41 17.35 -21.32
C LEU A 220 11.94 17.35 -21.71
N TYR A 221 11.08 17.88 -20.84
CA TYR A 221 9.66 17.94 -21.17
C TYR A 221 9.40 18.88 -22.32
N GLN A 222 10.17 19.97 -22.45
CA GLN A 222 9.98 20.88 -23.57
C GLN A 222 10.34 20.20 -24.88
N HIS A 223 11.43 19.43 -24.90
CA HIS A 223 11.80 18.69 -26.11
C HIS A 223 10.76 17.63 -26.45
N LEU A 224 10.30 16.87 -25.44
CA LEU A 224 9.27 15.86 -25.69
C LEU A 224 7.97 16.50 -26.20
N HIS A 225 7.58 17.63 -25.61
CA HIS A 225 6.37 18.32 -26.03
C HIS A 225 6.50 18.85 -27.46
N ALA A 226 7.66 19.39 -27.81
CA ALA A 226 7.85 19.88 -29.17
C ALA A 226 7.84 18.73 -30.17
N TYR A 227 8.44 17.60 -29.81
CA TYR A 227 8.42 16.44 -30.69
C TYR A 227 6.99 15.94 -30.91
N VAL A 228 6.22 15.86 -29.83
CA VAL A 228 4.82 15.44 -29.94
C VAL A 228 4.04 16.41 -30.80
N ARG A 229 4.22 17.72 -30.57
CA ARG A 229 3.52 18.73 -31.36
C ARG A 229 3.92 18.65 -32.84
N ALA A 230 5.16 18.29 -33.12
CA ALA A 230 5.58 18.15 -34.51
C ALA A 230 4.95 16.92 -35.15
N LYS A 231 4.93 15.80 -34.44
CA LYS A 231 4.33 14.58 -34.95
C LYS A 231 2.82 14.55 -34.80
N LEU A 232 2.22 15.52 -34.12
CA LEU A 232 0.78 15.65 -34.08
C LEU A 232 0.23 16.51 -35.20
N MET A 233 1.07 17.37 -35.80
CA MET A 233 0.62 18.13 -36.96
C MET A 233 0.43 17.26 -38.19
N ASP A 234 0.82 15.99 -38.12
CA ASP A 234 0.47 15.06 -39.19
C ASP A 234 -0.99 14.64 -39.11
N THR A 235 -1.42 14.16 -37.95
CA THR A 235 -2.80 13.78 -37.72
C THR A 235 -3.73 14.98 -37.63
N TYR A 236 -3.20 16.18 -37.40
CA TYR A 236 -4.02 17.39 -37.35
C TYR A 236 -3.29 18.48 -38.14
N PRO A 237 -3.46 18.49 -39.46
CA PRO A 237 -2.68 19.44 -40.28
C PRO A 237 -3.05 20.89 -40.05
N SER A 238 -4.33 21.19 -39.79
CA SER A 238 -4.78 22.56 -39.61
C SER A 238 -5.47 22.73 -38.27
N ARG A 239 -4.93 22.11 -37.22
CA ARG A 239 -5.53 22.22 -35.89
C ARG A 239 -4.50 22.44 -34.78
N ILE A 240 -3.22 22.53 -35.11
CA ILE A 240 -2.17 22.73 -34.11
C ILE A 240 -1.16 23.73 -34.66
N SER A 241 -0.80 24.71 -33.83
CA SER A 241 0.19 25.70 -34.22
C SER A 241 1.60 25.12 -34.10
N PRO A 242 2.52 25.55 -34.97
CA PRO A 242 3.89 25.00 -34.90
C PRO A 242 4.68 25.54 -33.71
N THR A 243 4.40 26.75 -33.26
CA THR A 243 5.13 27.35 -32.14
C THR A 243 4.28 27.48 -30.88
N GLY A 244 3.03 27.05 -30.93
CA GLY A 244 2.12 27.17 -29.80
C GLY A 244 2.15 25.97 -28.88
N CYS A 245 1.06 25.79 -28.15
CA CYS A 245 0.91 24.70 -27.20
C CYS A 245 -0.06 23.66 -27.74
N LEU A 246 -0.33 22.64 -26.92
CA LEU A 246 -1.15 21.54 -27.41
C LEU A 246 -2.59 21.66 -26.91
N PRO A 247 -3.57 21.41 -27.76
CA PRO A 247 -4.97 21.41 -27.31
C PRO A 247 -5.20 20.30 -26.29
N ALA A 248 -6.05 20.61 -25.30
CA ALA A 248 -6.24 19.72 -24.17
C ALA A 248 -7.02 18.45 -24.53
N HIS A 249 -7.83 18.50 -25.58
CA HIS A 249 -8.65 17.35 -25.96
C HIS A 249 -7.94 16.39 -26.90
N LEU A 250 -6.67 16.64 -27.22
CA LEU A 250 -5.90 15.81 -28.14
C LEU A 250 -4.67 15.24 -27.47
N LEU A 251 -4.82 14.75 -26.24
CA LEU A 251 -3.68 14.26 -25.47
C LEU A 251 -3.82 12.80 -25.07
N GLY A 252 -4.83 12.09 -25.55
CA GLY A 252 -4.95 10.67 -25.31
C GLY A 252 -5.88 10.27 -24.19
N ASP A 253 -6.42 11.21 -23.44
CA ASP A 253 -7.42 10.92 -22.42
C ASP A 253 -8.27 12.17 -22.20
N MET A 254 -9.20 12.08 -21.25
CA MET A 254 -10.17 13.14 -21.05
C MET A 254 -9.52 14.43 -20.58
N TRP A 255 -8.45 14.33 -19.79
CA TRP A 255 -7.83 15.51 -19.20
C TRP A 255 -6.42 15.79 -19.71
N GLY A 256 -5.78 14.84 -20.38
CA GLY A 256 -4.39 15.01 -20.74
C GLY A 256 -3.42 14.60 -19.67
N ARG A 257 -3.85 13.73 -18.75
CA ARG A 257 -2.97 13.31 -17.65
C ARG A 257 -1.80 12.49 -18.19
N PHE A 258 -2.08 11.48 -18.99
CA PHE A 258 -1.07 10.65 -19.61
C PHE A 258 -1.06 10.87 -21.13
N TRP A 259 0.08 10.55 -21.74
CA TRP A 259 0.24 10.63 -23.18
C TRP A 259 0.46 9.26 -23.80
N THR A 260 0.06 8.19 -23.11
CA THR A 260 0.33 6.84 -23.59
C THR A 260 -0.47 6.55 -24.86
N ASN A 261 -1.76 6.87 -24.85
CA ASN A 261 -2.63 6.58 -25.98
C ASN A 261 -2.26 7.43 -27.19
N LEU A 262 -1.32 8.35 -27.02
CA LEU A 262 -0.77 9.13 -28.13
C LEU A 262 0.41 8.45 -28.78
N TYR A 263 0.67 7.17 -28.48
CA TYR A 263 1.86 6.52 -29.03
C TYR A 263 1.72 6.20 -30.51
N PRO A 264 0.64 5.55 -30.98
CA PRO A 264 0.56 5.27 -32.43
C PRO A 264 0.18 6.49 -33.24
N LEU A 265 0.77 7.62 -32.88
CA LEU A 265 0.71 8.84 -33.68
C LEU A 265 2.05 9.56 -33.77
N THR A 266 2.98 9.27 -32.88
CA THR A 266 4.29 9.92 -32.85
C THR A 266 5.42 8.90 -32.70
N VAL A 267 5.16 7.62 -32.95
CA VAL A 267 6.17 6.57 -32.79
C VAL A 267 7.36 6.87 -33.70
N PRO A 268 8.60 6.74 -33.23
CA PRO A 268 9.76 7.10 -34.07
C PRO A 268 9.85 6.26 -35.34
N PHE A 269 9.85 4.94 -35.19
CA PHE A 269 9.99 4.01 -36.30
C PHE A 269 8.74 3.15 -36.38
N GLY A 270 7.86 3.49 -37.33
CA GLY A 270 6.58 2.81 -37.44
C GLY A 270 6.64 1.43 -38.07
N GLN A 271 7.78 1.07 -38.65
CA GLN A 271 7.94 -0.24 -39.27
C GLN A 271 8.54 -1.27 -38.33
N LYS A 272 9.15 -0.86 -37.24
CA LYS A 272 9.67 -1.81 -36.26
C LYS A 272 8.62 -2.09 -35.19
N PRO A 273 8.23 -3.34 -34.98
CA PRO A 273 7.21 -3.64 -33.96
C PRO A 273 7.81 -3.74 -32.57
N ASN A 274 7.04 -3.28 -31.59
CA ASN A 274 7.44 -3.41 -30.20
C ASN A 274 7.44 -4.88 -29.79
N ILE A 275 8.14 -5.18 -28.71
CA ILE A 275 8.35 -6.57 -28.29
C ILE A 275 7.15 -6.95 -27.43
N ASP A 276 6.08 -7.36 -28.10
CA ASP A 276 4.90 -7.89 -27.42
C ASP A 276 4.98 -9.41 -27.41
N VAL A 277 4.93 -10.00 -26.22
CA VAL A 277 5.12 -11.43 -26.05
C VAL A 277 3.78 -12.17 -25.94
N THR A 278 2.68 -11.54 -26.36
CA THR A 278 1.37 -12.16 -26.20
C THR A 278 1.28 -13.48 -26.95
N ASP A 279 1.63 -13.47 -28.24
CA ASP A 279 1.56 -14.69 -29.02
C ASP A 279 2.54 -15.74 -28.52
N ALA A 280 3.75 -15.31 -28.14
CA ALA A 280 4.71 -16.23 -27.56
C ALA A 280 4.26 -16.75 -26.21
N MET A 281 3.37 -16.03 -25.51
CA MET A 281 2.88 -16.49 -24.23
C MET A 281 1.75 -17.51 -24.41
N VAL A 282 0.85 -17.28 -25.36
CA VAL A 282 -0.21 -18.26 -25.58
C VAL A 282 0.34 -19.50 -26.26
N ASN A 283 1.33 -19.35 -27.15
CA ASN A 283 1.89 -20.50 -27.83
C ASN A 283 2.64 -21.43 -26.89
N GLN A 284 3.10 -20.94 -25.75
CA GLN A 284 3.77 -21.75 -24.74
C GLN A 284 2.80 -22.32 -23.71
N SER A 285 1.49 -22.27 -24.00
CA SER A 285 0.44 -22.77 -23.10
C SER A 285 0.50 -22.11 -21.73
N TRP A 286 0.91 -20.84 -21.67
CA TRP A 286 0.95 -20.12 -20.40
C TRP A 286 -0.46 -19.72 -19.98
N ASP A 287 -0.73 -19.82 -18.68
CA ASP A 287 -1.99 -19.39 -18.10
C ASP A 287 -1.71 -18.29 -17.08
N ALA A 288 -2.77 -17.86 -16.37
CA ALA A 288 -2.62 -16.80 -15.39
C ALA A 288 -1.72 -17.24 -14.24
N ARG A 289 -1.92 -18.46 -13.74
CA ARG A 289 -1.07 -18.96 -12.67
C ARG A 289 0.38 -19.02 -13.12
N ARG A 290 0.61 -19.31 -14.41
CA ARG A 290 1.98 -19.29 -14.93
C ARG A 290 2.54 -17.87 -14.92
N ILE A 291 1.71 -16.88 -15.24
CA ILE A 291 2.16 -15.48 -15.20
C ILE A 291 2.59 -15.11 -13.78
N PHE A 292 1.76 -15.46 -12.80
CA PHE A 292 2.09 -15.07 -11.43
C PHE A 292 3.24 -15.89 -10.87
N LYS A 293 3.41 -17.13 -11.33
CA LYS A 293 4.58 -17.90 -10.93
C LYS A 293 5.85 -17.31 -11.52
N GLU A 294 5.78 -16.80 -12.75
CA GLU A 294 6.93 -16.13 -13.35
C GLU A 294 7.25 -14.84 -12.61
N ALA A 295 6.23 -14.10 -12.20
CA ALA A 295 6.46 -12.88 -11.42
C ALA A 295 7.09 -13.22 -10.06
N GLU A 296 6.62 -14.28 -9.42
CA GLU A 296 7.25 -14.73 -8.18
C GLU A 296 8.70 -15.14 -8.41
N LYS A 297 8.97 -15.81 -9.53
CA LYS A 297 10.35 -16.15 -9.89
C LYS A 297 11.20 -14.89 -10.02
N PHE A 298 10.69 -13.87 -10.71
CA PHE A 298 11.43 -12.63 -10.87
C PHE A 298 11.72 -11.99 -9.53
N PHE A 299 10.73 -12.00 -8.62
CA PHE A 299 10.93 -11.35 -7.33
C PHE A 299 11.90 -12.13 -6.45
N VAL A 300 11.88 -13.46 -6.54
CA VAL A 300 12.81 -14.26 -5.75
C VAL A 300 14.22 -14.15 -6.32
N SER A 301 14.34 -13.90 -7.63
CA SER A 301 15.65 -13.76 -8.25
C SER A 301 16.46 -12.61 -7.67
N VAL A 302 15.79 -11.60 -7.11
CA VAL A 302 16.47 -10.43 -6.54
C VAL A 302 16.59 -10.50 -5.03
N GLY A 303 15.99 -11.49 -4.39
CA GLY A 303 16.14 -11.67 -2.96
C GLY A 303 14.89 -11.42 -2.14
N LEU A 304 13.78 -11.05 -2.76
CA LEU A 304 12.55 -10.86 -2.02
C LEU A 304 11.86 -12.21 -1.80
N PRO A 305 11.17 -12.37 -0.68
CA PRO A 305 10.61 -13.68 -0.33
C PRO A 305 9.50 -14.11 -1.28
N ASN A 306 9.13 -15.38 -1.17
CA ASN A 306 8.06 -15.94 -1.98
C ASN A 306 6.70 -15.55 -1.43
N MET A 307 5.72 -15.51 -2.32
CA MET A 307 4.34 -15.27 -1.89
C MET A 307 3.89 -16.39 -0.96
N THR A 308 3.10 -16.02 0.05
CA THR A 308 2.61 -17.00 1.00
C THR A 308 1.63 -17.96 0.32
N GLN A 309 1.38 -19.09 1.00
CA GLN A 309 0.43 -20.06 0.48
C GLN A 309 -0.97 -19.47 0.37
N GLY A 310 -1.36 -18.63 1.34
CA GLY A 310 -2.66 -17.99 1.29
C GLY A 310 -2.86 -17.09 0.09
N PHE A 311 -1.76 -16.65 -0.53
CA PHE A 311 -1.88 -15.88 -1.77
C PHE A 311 -2.31 -16.75 -2.94
N TRP A 312 -1.91 -18.02 -2.93
CA TRP A 312 -2.18 -18.92 -4.04
C TRP A 312 -3.49 -19.68 -3.90
N GLU A 313 -4.27 -19.40 -2.86
CA GLU A 313 -5.57 -20.04 -2.69
C GLU A 313 -6.69 -19.06 -2.35
N ASN A 314 -6.38 -17.83 -1.98
CA ASN A 314 -7.39 -16.85 -1.63
C ASN A 314 -7.43 -15.66 -2.58
N SER A 315 -6.47 -15.53 -3.49
CA SER A 315 -6.45 -14.44 -4.43
C SER A 315 -7.29 -14.78 -5.66
N MET A 316 -8.01 -13.79 -6.17
CA MET A 316 -8.81 -13.95 -7.39
C MET A 316 -7.94 -13.62 -8.58
N LEU A 317 -7.04 -14.56 -8.90
CA LEU A 317 -6.14 -14.35 -10.03
C LEU A 317 -6.85 -14.51 -11.36
N THR A 318 -7.87 -15.35 -11.42
CA THR A 318 -8.66 -15.56 -12.62
C THR A 318 -10.09 -15.07 -12.40
N GLU A 319 -10.74 -14.68 -13.49
CA GLU A 319 -12.12 -14.21 -13.40
C GLU A 319 -13.07 -15.40 -13.23
N PRO A 320 -14.01 -15.31 -12.27
CA PRO A 320 -14.97 -16.40 -12.08
C PRO A 320 -15.81 -16.66 -13.31
N GLY A 321 -16.52 -15.64 -13.77
CA GLY A 321 -17.33 -15.75 -14.99
C GLY A 321 -18.42 -16.80 -14.93
N ASP A 322 -18.96 -17.06 -13.73
CA ASP A 322 -20.04 -18.01 -13.57
C ASP A 322 -21.37 -17.35 -13.23
N SER A 323 -21.43 -16.62 -12.11
CA SER A 323 -22.61 -15.85 -11.78
C SER A 323 -22.31 -14.54 -11.08
N ARG A 324 -21.05 -14.17 -10.89
CA ARG A 324 -20.68 -13.07 -10.00
C ARG A 324 -20.25 -11.87 -10.84
N LYS A 325 -21.01 -10.78 -10.75
CA LYS A 325 -20.67 -9.53 -11.42
C LYS A 325 -19.53 -8.88 -10.64
N VAL A 326 -18.34 -9.42 -10.82
CA VAL A 326 -17.16 -8.98 -10.09
C VAL A 326 -16.60 -7.72 -10.72
N VAL A 327 -16.35 -6.72 -9.89
CA VAL A 327 -15.60 -5.53 -10.30
C VAL A 327 -14.13 -5.85 -10.03
N CYS A 328 -13.41 -6.24 -11.07
CA CYS A 328 -12.02 -6.64 -10.94
C CYS A 328 -11.13 -5.60 -11.62
N HIS A 329 -10.79 -4.56 -10.87
CA HIS A 329 -9.74 -3.65 -11.23
C HIS A 329 -8.45 -4.11 -10.56
N PRO A 330 -7.31 -4.14 -11.26
CA PRO A 330 -6.08 -4.64 -10.64
C PRO A 330 -5.77 -3.91 -9.35
N THR A 331 -5.80 -4.65 -8.25
CA THR A 331 -5.56 -4.07 -6.93
C THR A 331 -4.90 -5.11 -6.03
N ALA A 332 -3.94 -4.67 -5.24
CA ALA A 332 -3.33 -5.52 -4.24
C ALA A 332 -3.97 -5.25 -2.88
N TRP A 333 -4.20 -6.31 -2.11
CA TRP A 333 -4.99 -6.24 -0.89
C TRP A 333 -4.15 -6.70 0.28
N ASP A 334 -4.05 -5.85 1.30
CA ASP A 334 -3.44 -6.18 2.59
C ASP A 334 -4.60 -6.35 3.57
N LEU A 335 -5.15 -7.56 3.63
CA LEU A 335 -6.27 -7.86 4.51
C LEU A 335 -5.76 -8.03 5.94
N GLY A 336 -5.37 -6.92 6.54
CA GLY A 336 -5.01 -6.88 7.94
C GLY A 336 -3.96 -7.89 8.35
N LYS A 337 -4.39 -8.89 9.11
CA LYS A 337 -3.50 -9.89 9.68
C LYS A 337 -2.95 -10.78 8.57
N GLY A 338 -1.74 -10.47 8.10
CA GLY A 338 -1.22 -11.15 6.93
C GLY A 338 -2.17 -10.97 5.77
N ASP A 339 -2.51 -12.08 5.11
CA ASP A 339 -3.59 -12.14 4.13
C ASP A 339 -3.41 -11.11 3.03
N PHE A 340 -2.36 -11.33 2.24
CA PHE A 340 -2.07 -10.51 1.08
C PHE A 340 -2.62 -11.20 -0.16
N ARG A 341 -3.46 -10.47 -0.91
CA ARG A 341 -4.18 -11.05 -2.03
C ARG A 341 -4.11 -10.13 -3.23
N ILE A 342 -4.55 -10.65 -4.38
CA ILE A 342 -4.68 -9.89 -5.61
C ILE A 342 -6.00 -10.28 -6.26
N LYS A 343 -6.78 -9.27 -6.68
CA LYS A 343 -8.10 -9.46 -7.24
C LYS A 343 -8.13 -9.05 -8.72
N MET A 344 -7.03 -9.31 -9.42
CA MET A 344 -6.93 -8.94 -10.82
C MET A 344 -7.55 -10.00 -11.73
N CYS A 345 -8.30 -9.52 -12.73
CA CYS A 345 -8.81 -10.40 -13.79
C CYS A 345 -7.70 -10.58 -14.81
N THR A 346 -6.90 -11.63 -14.63
CA THR A 346 -5.73 -11.85 -15.46
C THR A 346 -6.13 -12.50 -16.79
N LYS A 347 -5.49 -12.03 -17.86
CA LYS A 347 -5.61 -12.63 -19.18
C LYS A 347 -4.24 -13.04 -19.67
N VAL A 348 -4.22 -13.77 -20.78
CA VAL A 348 -2.95 -14.17 -21.43
C VAL A 348 -2.59 -13.04 -22.39
N THR A 349 -1.76 -12.13 -21.91
CA THR A 349 -1.29 -10.99 -22.69
C THR A 349 -0.02 -10.47 -22.04
N MET A 350 0.57 -9.44 -22.64
CA MET A 350 1.77 -8.84 -22.07
C MET A 350 1.45 -7.74 -21.06
N ASP A 351 0.37 -6.99 -21.29
CA ASP A 351 -0.02 -5.95 -20.34
C ASP A 351 -0.33 -6.53 -18.98
N ASP A 352 -1.02 -7.67 -18.93
CA ASP A 352 -1.29 -8.36 -17.68
C ASP A 352 -0.07 -9.11 -17.17
N PHE A 353 0.96 -9.30 -17.99
CA PHE A 353 2.21 -9.85 -17.49
C PHE A 353 2.99 -8.78 -16.73
N LEU A 354 3.03 -7.56 -17.26
CA LEU A 354 3.75 -6.48 -16.59
C LEU A 354 2.98 -5.99 -15.36
N THR A 355 1.67 -5.79 -15.51
CA THR A 355 0.88 -5.26 -14.39
C THR A 355 0.77 -6.26 -13.24
N ALA A 356 1.08 -7.53 -13.46
CA ALA A 356 1.14 -8.48 -12.35
C ALA A 356 2.39 -8.25 -11.50
N HIS A 357 3.49 -7.84 -12.13
CA HIS A 357 4.68 -7.50 -11.37
C HIS A 357 4.46 -6.27 -10.50
N HIS A 358 3.68 -5.30 -11.00
CA HIS A 358 3.35 -4.12 -10.21
C HIS A 358 2.57 -4.48 -8.96
N GLU A 359 1.52 -5.29 -9.11
CA GLU A 359 0.72 -5.67 -7.96
C GLU A 359 1.51 -6.58 -7.02
N MET A 360 2.37 -7.43 -7.56
CA MET A 360 3.20 -8.26 -6.70
C MET A 360 4.23 -7.42 -5.94
N GLY A 361 4.71 -6.32 -6.54
CA GLY A 361 5.57 -5.42 -5.81
C GLY A 361 4.83 -4.66 -4.73
N HIS A 362 3.59 -4.29 -4.99
CA HIS A 362 2.74 -3.74 -3.93
C HIS A 362 2.62 -4.73 -2.77
N ILE A 363 2.37 -6.00 -3.09
CA ILE A 363 2.28 -7.03 -2.06
C ILE A 363 3.60 -7.17 -1.33
N GLN A 364 4.72 -7.04 -2.03
CA GLN A 364 6.02 -7.20 -1.40
C GLN A 364 6.32 -6.05 -0.45
N TYR A 365 5.94 -4.83 -0.83
CA TYR A 365 6.08 -3.69 0.10
C TYR A 365 5.15 -3.87 1.30
N ASP A 366 3.95 -4.39 1.07
CA ASP A 366 3.03 -4.64 2.18
C ASP A 366 3.60 -5.67 3.16
N MET A 367 4.12 -6.78 2.63
CA MET A 367 4.67 -7.83 3.48
C MET A 367 5.92 -7.39 4.23
N ALA A 368 6.58 -6.33 3.78
CA ALA A 368 7.84 -5.92 4.39
C ALA A 368 7.61 -5.21 5.71
N TYR A 369 6.83 -4.12 5.70
CA TYR A 369 6.61 -3.34 6.91
C TYR A 369 5.53 -3.93 7.81
N ALA A 370 5.13 -5.18 7.59
CA ALA A 370 4.17 -5.81 8.49
C ALA A 370 4.72 -6.03 9.88
N VAL A 371 6.04 -5.94 10.07
CA VAL A 371 6.62 -6.05 11.40
C VAL A 371 6.50 -4.76 12.20
N GLN A 372 6.14 -3.67 11.54
CA GLN A 372 5.93 -2.40 12.23
C GLN A 372 4.64 -2.44 13.05
N PRO A 373 4.52 -1.57 14.05
CA PRO A 373 3.23 -1.43 14.74
C PRO A 373 2.12 -1.07 13.77
N PHE A 374 0.88 -1.35 14.20
CA PHE A 374 -0.27 -1.23 13.30
C PHE A 374 -0.36 0.17 12.69
N LEU A 375 -0.13 1.21 13.49
CA LEU A 375 -0.24 2.57 12.98
C LEU A 375 0.89 2.92 12.03
N LEU A 376 1.98 2.15 12.04
CA LEU A 376 3.13 2.43 11.19
C LEU A 376 3.21 1.50 9.99
N ARG A 377 2.14 0.76 9.69
CA ARG A 377 2.12 -0.15 8.54
C ARG A 377 1.63 0.62 7.32
N ASN A 378 2.57 1.30 6.67
CA ASN A 378 2.28 2.08 5.48
C ASN A 378 3.61 2.45 4.84
N GLY A 379 3.53 3.09 3.68
CA GLY A 379 4.73 3.59 3.04
C GLY A 379 5.34 4.76 3.80
N ALA A 380 6.58 5.09 3.46
CA ALA A 380 7.24 6.22 4.11
C ALA A 380 6.48 7.51 3.85
N ASN A 381 6.03 7.72 2.63
CA ASN A 381 5.08 8.79 2.33
C ASN A 381 4.16 8.30 1.20
N GLU A 382 3.39 9.22 0.64
CA GLU A 382 2.37 8.87 -0.34
C GLU A 382 2.93 8.43 -1.69
N GLY A 383 4.25 8.32 -1.84
CA GLY A 383 4.80 8.02 -3.14
C GLY A 383 5.78 6.87 -3.16
N PHE A 384 5.80 6.07 -2.10
CA PHE A 384 6.76 4.98 -2.03
C PHE A 384 6.18 3.66 -2.52
N HIS A 385 4.92 3.35 -2.15
CA HIS A 385 4.28 2.12 -2.58
C HIS A 385 4.28 2.00 -4.10
N GLU A 386 3.77 3.03 -4.78
CA GLU A 386 3.68 2.97 -6.23
C GLU A 386 5.05 2.99 -6.88
N ALA A 387 6.05 3.59 -6.24
CA ALA A 387 7.40 3.58 -6.80
C ALA A 387 8.00 2.19 -6.77
N VAL A 388 7.84 1.49 -5.63
CA VAL A 388 8.26 0.09 -5.57
C VAL A 388 7.49 -0.74 -6.59
N GLY A 389 6.21 -0.45 -6.78
CA GLY A 389 5.44 -1.16 -7.77
C GLY A 389 5.95 -0.93 -9.18
N GLU A 390 6.39 0.29 -9.48
CA GLU A 390 6.77 0.64 -10.84
C GLU A 390 8.16 0.13 -11.20
N ILE A 391 9.11 0.16 -10.25
CA ILE A 391 10.46 -0.29 -10.60
C ILE A 391 10.47 -1.78 -10.95
N MET A 392 9.57 -2.56 -10.36
CA MET A 392 9.49 -3.98 -10.67
C MET A 392 9.05 -4.21 -12.11
N SER A 393 8.00 -3.51 -12.55
CA SER A 393 7.59 -3.60 -13.94
C SER A 393 8.67 -3.09 -14.87
N LEU A 394 9.40 -2.05 -14.46
CA LEU A 394 10.52 -1.56 -15.26
C LEU A 394 11.54 -2.67 -15.50
N SER A 395 11.96 -3.34 -14.42
CA SER A 395 12.97 -4.37 -14.57
C SER A 395 12.43 -5.61 -15.28
N ALA A 396 11.11 -5.84 -15.21
CA ALA A 396 10.55 -7.03 -15.83
C ALA A 396 10.35 -6.85 -17.33
N ALA A 397 9.98 -5.65 -17.77
CA ALA A 397 9.73 -5.40 -19.20
C ALA A 397 11.00 -5.36 -20.03
N THR A 398 12.16 -5.63 -19.47
CA THR A 398 13.41 -5.57 -20.22
C THR A 398 13.54 -6.78 -21.14
N PRO A 399 13.95 -6.57 -22.39
CA PRO A 399 14.17 -7.73 -23.28
C PRO A 399 15.16 -8.74 -22.72
N ASN A 400 16.14 -8.27 -21.94
CA ASN A 400 17.04 -9.19 -21.26
C ASN A 400 16.31 -10.04 -20.22
N HIS A 401 15.14 -9.60 -19.75
CA HIS A 401 14.31 -10.43 -18.89
C HIS A 401 13.40 -11.34 -19.70
N LEU A 402 12.88 -10.85 -20.82
CA LEU A 402 12.04 -11.66 -21.69
C LEU A 402 12.83 -12.79 -22.34
N LYS A 403 14.15 -12.66 -22.43
CA LYS A 403 14.99 -13.70 -22.99
C LYS A 403 15.51 -14.69 -21.96
N THR A 404 15.50 -14.32 -20.68
CA THR A 404 16.01 -15.23 -19.65
C THR A 404 14.95 -16.24 -19.23
N ILE A 405 13.72 -15.77 -18.99
CA ILE A 405 12.64 -16.67 -18.57
C ILE A 405 12.21 -17.64 -19.65
N GLY A 406 12.69 -17.47 -20.88
CA GLY A 406 12.32 -18.33 -21.99
C GLY A 406 11.19 -17.80 -22.85
N LEU A 407 10.70 -16.60 -22.57
CA LEU A 407 9.60 -16.05 -23.35
C LEU A 407 10.06 -15.63 -24.75
N LEU A 408 11.18 -14.93 -24.82
CA LEU A 408 11.73 -14.49 -26.10
C LEU A 408 12.80 -15.46 -26.57
N SER A 409 12.95 -15.54 -27.89
CA SER A 409 13.94 -16.44 -28.46
C SER A 409 15.34 -15.88 -28.23
N PRO A 410 16.30 -16.72 -27.85
CA PRO A 410 17.68 -16.23 -27.70
C PRO A 410 18.28 -15.70 -28.99
N GLY A 411 17.75 -16.11 -30.14
CA GLY A 411 18.22 -15.58 -31.41
C GLY A 411 17.58 -14.26 -31.76
N PHE A 412 17.61 -13.32 -30.82
CA PHE A 412 17.01 -12.00 -30.99
C PHE A 412 17.99 -10.94 -30.53
N SER A 413 18.00 -9.82 -31.26
CA SER A 413 18.89 -8.71 -30.97
C SER A 413 18.08 -7.43 -30.83
N GLU A 414 18.41 -6.63 -29.82
CA GLU A 414 17.75 -5.35 -29.60
C GLU A 414 18.38 -4.31 -30.51
N ASP A 415 17.62 -3.86 -31.51
CA ASP A 415 18.12 -2.93 -32.50
C ASP A 415 18.40 -1.56 -31.85
N SER A 416 19.16 -0.74 -32.58
CA SER A 416 19.38 0.65 -32.20
C SER A 416 18.12 1.49 -32.31
N GLU A 417 17.04 0.92 -32.83
CA GLU A 417 15.75 1.58 -32.95
C GLU A 417 14.70 1.07 -31.97
N THR A 418 14.80 -0.20 -31.56
CA THR A 418 13.90 -0.72 -30.53
C THR A 418 14.13 -0.04 -29.19
N GLU A 419 15.30 0.55 -28.96
CA GLU A 419 15.56 1.30 -27.75
C GLU A 419 14.92 2.68 -27.77
N ILE A 420 14.59 3.20 -28.94
CA ILE A 420 14.02 4.54 -29.03
C ILE A 420 12.49 4.51 -29.00
N ASN A 421 11.87 3.47 -29.57
CA ASN A 421 10.41 3.35 -29.48
C ASN A 421 9.97 3.10 -28.04
N PHE A 422 10.65 2.18 -27.37
CA PHE A 422 10.34 1.90 -25.97
C PHE A 422 10.53 3.13 -25.11
N LEU A 423 11.65 3.83 -25.29
CA LEU A 423 11.92 5.03 -24.50
C LEU A 423 10.94 6.14 -24.80
N LEU A 424 10.51 6.26 -26.06
CA LEU A 424 9.54 7.27 -26.43
C LEU A 424 8.20 7.00 -25.75
N LYS A 425 7.75 5.74 -25.79
CA LYS A 425 6.50 5.39 -25.11
C LYS A 425 6.62 5.61 -23.60
N GLN A 426 7.78 5.29 -23.03
CA GLN A 426 8.00 5.51 -21.60
C GLN A 426 7.89 6.99 -21.26
N ALA A 427 8.57 7.86 -22.00
CA ALA A 427 8.45 9.28 -21.78
C ALA A 427 7.02 9.76 -21.98
N LEU A 428 6.27 9.11 -22.87
CA LEU A 428 4.87 9.47 -23.05
C LEU A 428 4.06 9.18 -21.79
N THR A 429 4.25 8.01 -21.19
CA THR A 429 3.43 7.67 -20.04
C THR A 429 4.02 8.21 -18.73
N ILE A 430 5.31 8.54 -18.72
CA ILE A 430 5.98 8.92 -17.48
C ILE A 430 6.27 10.42 -17.44
N VAL A 431 6.93 10.94 -18.47
CA VAL A 431 7.36 12.34 -18.43
C VAL A 431 6.20 13.28 -18.69
N GLY A 432 5.26 12.90 -19.56
CA GLY A 432 4.14 13.77 -19.91
C GLY A 432 3.17 14.04 -18.78
N THR A 433 3.24 13.27 -17.69
CA THR A 433 2.32 13.44 -16.57
C THR A 433 2.90 14.29 -15.44
N LEU A 434 4.22 14.51 -15.43
CA LEU A 434 4.80 15.29 -14.33
C LEU A 434 4.37 16.75 -14.35
N PRO A 435 4.42 17.47 -15.48
CA PRO A 435 3.88 18.83 -15.46
C PRO A 435 2.41 18.88 -15.12
N PHE A 436 1.62 17.93 -15.61
CA PHE A 436 0.19 17.90 -15.30
C PHE A 436 -0.04 17.78 -13.80
N THR A 437 0.62 16.81 -13.16
CA THR A 437 0.47 16.62 -11.73
C THR A 437 0.92 17.85 -10.96
N TYR A 438 2.11 18.37 -11.29
CA TYR A 438 2.63 19.54 -10.58
C TYR A 438 1.68 20.73 -10.71
N MET A 439 1.18 20.98 -11.92
CA MET A 439 0.31 22.13 -12.12
C MET A 439 -1.01 21.96 -11.39
N LEU A 440 -1.61 20.77 -11.42
CA LEU A 440 -2.86 20.55 -10.72
C LEU A 440 -2.71 20.74 -9.23
N GLU A 441 -1.66 20.16 -8.64
CA GLU A 441 -1.49 20.29 -7.19
C GLU A 441 -1.12 21.71 -6.79
N LYS A 442 -0.36 22.43 -7.63
CA LYS A 442 -0.05 23.82 -7.35
C LYS A 442 -1.30 24.69 -7.39
N TRP A 443 -2.17 24.44 -8.36
CA TRP A 443 -3.44 25.16 -8.42
C TRP A 443 -4.28 24.89 -7.19
N ARG A 444 -4.34 23.62 -6.76
CA ARG A 444 -5.14 23.29 -5.59
C ARG A 444 -4.57 23.95 -4.33
N TRP A 445 -3.25 23.98 -4.20
CA TRP A 445 -2.64 24.63 -3.05
C TRP A 445 -2.92 26.13 -3.04
N MET A 446 -2.75 26.79 -4.19
CA MET A 446 -3.00 28.22 -4.26
C MET A 446 -4.48 28.55 -4.05
N VAL A 447 -5.36 27.63 -4.42
CA VAL A 447 -6.78 27.85 -4.19
C VAL A 447 -7.11 27.69 -2.72
N PHE A 448 -6.55 26.67 -2.07
CA PHE A 448 -6.82 26.44 -0.65
C PHE A 448 -6.28 27.58 0.20
N LYS A 449 -5.09 28.07 -0.13
CA LYS A 449 -4.47 29.13 0.68
C LYS A 449 -5.23 30.45 0.53
N GLY A 450 -5.40 30.91 -0.70
CA GLY A 450 -6.15 32.14 -0.91
C GLY A 450 -5.52 33.09 -1.92
N GLU A 451 -4.42 32.68 -2.55
CA GLU A 451 -3.84 33.50 -3.60
C GLU A 451 -4.73 33.61 -4.83
N ILE A 452 -5.74 32.74 -4.95
CA ILE A 452 -6.70 32.80 -6.03
C ILE A 452 -8.09 32.97 -5.44
N PRO A 453 -8.73 34.13 -5.60
CA PRO A 453 -10.13 34.26 -5.18
C PRO A 453 -11.04 33.43 -6.08
N LYS A 454 -12.25 33.17 -5.56
CA LYS A 454 -13.22 32.35 -6.29
C LYS A 454 -13.60 32.93 -7.64
N GLU A 455 -13.27 34.19 -7.91
CA GLU A 455 -13.53 34.80 -9.21
C GLU A 455 -12.39 34.60 -10.20
N GLN A 456 -11.33 33.90 -9.81
CA GLN A 456 -10.21 33.61 -10.70
C GLN A 456 -9.85 32.13 -10.70
N TRP A 457 -10.78 31.27 -10.28
CA TRP A 457 -10.48 29.83 -10.22
C TRP A 457 -10.21 29.26 -11.61
N MET A 458 -11.02 29.63 -12.59
CA MET A 458 -10.79 29.22 -13.97
C MET A 458 -9.80 30.11 -14.69
N GLN A 459 -9.63 31.35 -14.24
CA GLN A 459 -8.63 32.22 -14.84
C GLN A 459 -7.23 31.72 -14.55
N LYS A 460 -6.96 31.35 -13.30
CA LYS A 460 -5.64 30.87 -12.93
C LYS A 460 -5.40 29.44 -13.40
N TRP A 461 -6.45 28.65 -13.56
CA TRP A 461 -6.30 27.25 -13.97
C TRP A 461 -5.69 27.17 -15.37
N TRP A 462 -6.34 27.79 -16.35
CA TRP A 462 -5.80 27.76 -17.71
C TRP A 462 -4.53 28.59 -17.83
N GLU A 463 -4.36 29.59 -16.97
CA GLU A 463 -3.10 30.32 -16.93
C GLU A 463 -1.94 29.39 -16.60
N MET A 464 -2.05 28.66 -15.49
CA MET A 464 -1.02 27.72 -15.10
C MET A 464 -0.88 26.59 -16.10
N LYS A 465 -1.98 26.21 -16.76
CA LYS A 465 -1.90 25.23 -17.84
C LYS A 465 -0.99 25.73 -18.96
N ARG A 466 -1.34 26.87 -19.56
CA ARG A 466 -0.57 27.42 -20.66
C ARG A 466 0.85 27.79 -20.26
N GLU A 467 1.11 28.02 -18.97
CA GLU A 467 2.45 28.44 -18.55
C GLU A 467 3.30 27.31 -17.99
N ILE A 468 2.73 26.16 -17.68
CA ILE A 468 3.47 25.06 -17.05
C ILE A 468 3.47 23.81 -17.93
N VAL A 469 2.28 23.28 -18.23
CA VAL A 469 2.21 22.03 -18.99
C VAL A 469 2.31 22.25 -20.48
N GLY A 470 2.06 23.46 -20.96
CA GLY A 470 2.04 23.71 -22.38
C GLY A 470 0.80 23.20 -23.06
N VAL A 471 -0.37 23.38 -22.42
CA VAL A 471 -1.64 22.86 -22.91
C VAL A 471 -2.66 23.99 -22.84
N VAL A 472 -3.42 24.16 -23.91
CA VAL A 472 -4.38 25.26 -24.03
C VAL A 472 -5.77 24.68 -24.19
N GLU A 473 -6.75 25.40 -23.66
CA GLU A 473 -8.14 24.99 -23.80
C GLU A 473 -8.60 25.17 -25.24
N PRO A 474 -9.41 24.25 -25.76
CA PRO A 474 -9.93 24.45 -27.13
C PRO A 474 -10.92 25.61 -27.21
N VAL A 475 -11.78 25.77 -26.21
CA VAL A 475 -12.71 26.90 -26.16
C VAL A 475 -12.64 27.52 -24.77
N PRO A 476 -12.86 28.83 -24.64
CA PRO A 476 -12.71 29.46 -23.32
C PRO A 476 -13.81 29.05 -22.37
N HIS A 477 -13.47 29.05 -21.08
CA HIS A 477 -14.39 28.69 -20.01
C HIS A 477 -14.48 29.85 -19.04
N ASP A 478 -15.71 30.26 -18.70
CA ASP A 478 -15.92 31.33 -17.75
C ASP A 478 -15.80 30.79 -16.33
N GLU A 479 -16.16 31.61 -15.34
CA GLU A 479 -15.95 31.24 -13.95
C GLU A 479 -16.95 30.21 -13.44
N THR A 480 -18.03 29.95 -14.17
CA THR A 480 -18.98 28.93 -13.74
C THR A 480 -18.41 27.52 -13.91
N TYR A 481 -17.49 27.32 -14.84
CA TYR A 481 -16.87 26.01 -15.02
C TYR A 481 -16.02 25.66 -13.81
N CYS A 482 -15.82 24.36 -13.61
CA CYS A 482 -14.93 23.83 -12.59
C CYS A 482 -14.08 22.71 -13.17
N ASP A 483 -13.47 22.99 -14.33
CA ASP A 483 -12.67 22.01 -15.07
C ASP A 483 -11.78 21.12 -14.20
N PRO A 484 -11.04 21.62 -13.20
CA PRO A 484 -10.28 20.70 -12.34
C PRO A 484 -11.14 19.64 -11.68
N ALA A 485 -12.38 19.96 -11.31
CA ALA A 485 -13.26 18.97 -10.70
C ALA A 485 -13.68 17.89 -11.67
N SER A 486 -13.40 18.04 -12.97
CA SER A 486 -13.68 16.99 -13.93
C SER A 486 -12.80 15.76 -13.71
N LEU A 487 -11.70 15.89 -12.98
CA LEU A 487 -10.81 14.78 -12.71
C LEU A 487 -11.31 14.00 -11.50
N PHE A 488 -11.16 12.68 -11.55
CA PHE A 488 -11.69 11.82 -10.49
C PHE A 488 -11.09 12.16 -9.13
N HIS A 489 -9.82 12.58 -9.11
CA HIS A 489 -9.18 12.83 -7.83
C HIS A 489 -9.59 14.16 -7.22
N VAL A 490 -9.96 15.14 -8.05
CA VAL A 490 -10.35 16.45 -7.52
C VAL A 490 -11.79 16.41 -7.03
N ALA A 491 -12.68 15.75 -7.78
CA ALA A 491 -14.08 15.65 -7.36
C ALA A 491 -14.27 14.72 -6.18
N ASN A 492 -13.34 13.79 -5.95
CA ASN A 492 -13.46 12.82 -4.87
C ASN A 492 -12.50 13.11 -3.72
N ASP A 493 -11.94 14.32 -3.68
CA ASP A 493 -11.10 14.78 -2.56
C ASP A 493 -9.90 13.85 -2.35
N TYR A 494 -9.03 13.84 -3.36
CA TYR A 494 -7.83 13.03 -3.34
C TYR A 494 -6.62 13.91 -3.61
N SER A 495 -5.58 13.78 -2.78
CA SER A 495 -4.34 14.49 -3.02
C SER A 495 -3.66 13.95 -4.28
N PHE A 496 -3.03 14.85 -5.04
CA PHE A 496 -2.48 14.52 -6.34
C PHE A 496 -0.96 14.50 -6.39
N ILE A 497 -0.28 15.18 -5.46
CA ILE A 497 1.18 15.26 -5.52
C ILE A 497 1.82 13.91 -5.33
N ARG A 498 1.08 12.92 -4.81
CA ARG A 498 1.63 11.57 -4.65
C ARG A 498 2.09 11.00 -5.99
N TYR A 499 1.46 11.41 -7.08
CA TYR A 499 1.84 10.92 -8.40
C TYR A 499 3.05 11.64 -8.98
N TYR A 500 3.42 12.78 -8.41
CA TYR A 500 4.63 13.47 -8.84
C TYR A 500 5.85 12.87 -8.15
N THR A 501 5.90 12.95 -6.82
CA THR A 501 7.06 12.47 -6.07
C THR A 501 7.35 11.01 -6.37
N ARG A 502 6.31 10.20 -6.51
CA ARG A 502 6.51 8.80 -6.86
C ARG A 502 7.33 8.66 -8.13
N THR A 503 6.94 9.38 -9.18
CA THR A 503 7.67 9.30 -10.45
C THR A 503 9.13 9.66 -10.25
N ILE A 504 9.44 10.51 -9.27
CA ILE A 504 10.83 10.90 -9.07
C ILE A 504 11.55 9.89 -8.20
N TYR A 505 10.85 9.19 -7.31
CA TYR A 505 11.52 8.24 -6.43
C TYR A 505 11.95 7.00 -7.17
N GLN A 506 11.11 6.49 -8.07
CA GLN A 506 11.38 5.22 -8.72
C GLN A 506 12.69 5.24 -9.49
N PHE A 507 12.90 6.29 -10.30
CA PHE A 507 14.17 6.41 -11.02
C PHE A 507 15.33 6.60 -10.06
N GLN A 508 15.09 7.24 -8.91
CA GLN A 508 16.13 7.30 -7.89
C GLN A 508 16.43 5.90 -7.35
N PHE A 509 15.39 5.07 -7.20
CA PHE A 509 15.61 3.70 -6.74
C PHE A 509 16.32 2.89 -7.81
N GLN A 510 15.71 2.79 -9.00
CA GLN A 510 16.24 1.92 -10.05
C GLN A 510 17.70 2.21 -10.32
N GLU A 511 18.04 3.48 -10.60
CA GLU A 511 19.43 3.85 -10.79
C GLU A 511 20.31 3.32 -9.67
N ALA A 512 19.96 3.64 -8.43
CA ALA A 512 20.69 3.08 -7.30
C ALA A 512 20.69 1.56 -7.36
N LEU A 513 19.51 0.97 -7.55
CA LEU A 513 19.43 -0.49 -7.63
C LEU A 513 20.20 -1.03 -8.82
N CYS A 514 20.42 -0.22 -9.85
CA CYS A 514 21.28 -0.67 -10.93
C CYS A 514 22.76 -0.55 -10.58
N ARG A 515 23.13 0.50 -9.82
CA ARG A 515 24.53 0.66 -9.44
C ARG A 515 25.00 -0.50 -8.58
N ILE A 516 24.14 -0.96 -7.66
CA ILE A 516 24.46 -2.13 -6.87
C ILE A 516 24.46 -3.38 -7.73
N ALA A 517 23.71 -3.38 -8.83
CA ALA A 517 23.68 -4.52 -9.74
C ALA A 517 24.85 -4.52 -10.71
N LYS A 518 25.74 -3.51 -10.63
CA LYS A 518 26.90 -3.39 -11.51
C LYS A 518 26.49 -3.43 -12.99
N HIS A 519 25.29 -2.94 -13.28
CA HIS A 519 24.81 -2.89 -14.66
C HIS A 519 25.60 -1.85 -15.43
N GLU A 520 26.22 -2.26 -16.52
CA GLU A 520 27.02 -1.38 -17.37
C GLU A 520 26.27 -1.15 -18.66
N GLY A 521 25.99 0.12 -18.96
CA GLY A 521 25.26 0.49 -20.15
C GLY A 521 24.26 1.58 -19.87
N PRO A 522 23.38 1.86 -20.83
CA PRO A 522 22.37 2.88 -20.63
C PRO A 522 21.38 2.49 -19.54
N LEU A 523 20.74 3.50 -18.96
CA LEU A 523 19.73 3.26 -17.92
C LEU A 523 18.35 3.15 -18.54
N HIS A 524 18.24 2.25 -19.52
CA HIS A 524 16.95 1.77 -19.98
C HIS A 524 17.00 0.31 -20.36
N LYS A 525 18.15 -0.34 -20.25
CA LYS A 525 18.30 -1.78 -20.46
C LYS A 525 18.64 -2.50 -19.15
N CYS A 526 18.59 -1.77 -18.03
CA CYS A 526 18.96 -2.33 -16.74
C CYS A 526 17.96 -3.39 -16.31
N ASP A 527 18.47 -4.48 -15.74
CA ASP A 527 17.65 -5.60 -15.33
C ASP A 527 18.17 -6.08 -13.98
N ILE A 528 17.42 -5.78 -12.91
CA ILE A 528 17.88 -6.09 -11.56
C ILE A 528 17.70 -7.55 -11.19
N SER A 529 17.20 -8.37 -12.12
CA SER A 529 17.04 -9.79 -11.84
C SER A 529 18.38 -10.45 -11.60
N ASN A 530 18.36 -11.52 -10.79
CA ASN A 530 19.56 -12.26 -10.43
C ASN A 530 20.60 -11.34 -9.78
N SER A 531 20.13 -10.53 -8.84
CA SER A 531 20.99 -9.59 -8.10
C SER A 531 20.40 -9.46 -6.69
N SER A 532 20.91 -10.27 -5.78
CA SER A 532 20.41 -10.23 -4.40
C SER A 532 20.86 -8.99 -3.66
N GLU A 533 21.92 -8.31 -4.13
CA GLU A 533 22.42 -7.14 -3.42
C GLU A 533 21.44 -5.97 -3.51
N ALA A 534 20.97 -5.67 -4.72
CA ALA A 534 20.00 -4.59 -4.88
C ALA A 534 18.68 -4.94 -4.20
N GLY A 535 18.28 -6.20 -4.26
CA GLY A 535 17.07 -6.62 -3.58
C GLY A 535 17.16 -6.45 -2.07
N LYS A 536 18.30 -6.82 -1.49
CA LYS A 536 18.50 -6.64 -0.06
C LYS A 536 18.55 -5.15 0.30
N LYS A 537 19.17 -4.34 -0.54
CA LYS A 537 19.23 -2.90 -0.29
C LYS A 537 17.83 -2.28 -0.33
N LEU A 538 16.96 -2.78 -1.21
CA LEU A 538 15.59 -2.28 -1.23
C LEU A 538 14.79 -2.80 -0.03
N LEU A 539 14.97 -4.07 0.33
CA LEU A 539 14.27 -4.64 1.47
C LEU A 539 14.67 -3.98 2.78
N GLN A 540 15.89 -3.44 2.87
CA GLN A 540 16.27 -2.72 4.08
C GLN A 540 15.39 -1.50 4.28
N MET A 541 15.01 -0.83 3.20
CA MET A 541 14.14 0.33 3.30
C MET A 541 12.66 -0.06 3.38
N LEU A 542 12.29 -1.18 2.75
CA LEU A 542 10.88 -1.55 2.68
C LEU A 542 10.33 -1.91 4.06
N THR A 543 11.12 -2.62 4.88
CA THR A 543 10.62 -3.02 6.19
C THR A 543 10.50 -1.85 7.16
N LEU A 544 10.97 -0.66 6.78
CA LEU A 544 10.91 0.47 7.69
C LEU A 544 9.48 0.97 7.87
N GLY A 545 8.73 1.06 6.78
CA GLY A 545 7.42 1.65 6.89
C GLY A 545 7.51 3.12 7.22
N LYS A 546 6.50 3.61 7.95
CA LYS A 546 6.49 4.98 8.44
C LYS A 546 7.20 5.13 9.77
N SER A 547 8.05 4.16 10.14
CA SER A 547 8.73 4.20 11.42
C SER A 547 9.72 5.34 11.51
N LYS A 548 10.38 5.66 10.41
CA LYS A 548 11.41 6.69 10.37
C LYS A 548 11.11 7.67 9.25
N PRO A 549 11.60 8.90 9.35
CA PRO A 549 11.27 9.92 8.34
C PRO A 549 11.59 9.43 6.93
N TRP A 550 10.76 9.84 5.97
CA TRP A 550 10.95 9.41 4.59
C TRP A 550 12.24 9.92 4.01
N THR A 551 12.81 11.00 4.56
CA THR A 551 14.10 11.49 4.09
C THR A 551 15.20 10.50 4.39
N LEU A 552 15.24 9.98 5.62
CA LEU A 552 16.25 9.00 5.98
C LEU A 552 16.00 7.67 5.27
N ALA A 553 14.73 7.30 5.11
CA ALA A 553 14.41 6.07 4.38
C ALA A 553 14.87 6.16 2.93
N LEU A 554 14.71 7.34 2.31
CA LEU A 554 15.16 7.52 0.93
C LEU A 554 16.69 7.56 0.86
N GLU A 555 17.33 8.17 1.87
CA GLU A 555 18.79 8.20 1.90
C GLU A 555 19.38 6.81 2.13
N HIS A 556 18.63 5.89 2.72
CA HIS A 556 19.09 4.52 2.84
C HIS A 556 19.44 3.93 1.47
N VAL A 557 18.52 4.04 0.52
CA VAL A 557 18.72 3.40 -0.78
C VAL A 557 19.62 4.24 -1.68
N VAL A 558 19.19 5.47 -1.98
CA VAL A 558 19.84 6.27 -3.01
C VAL A 558 21.01 7.10 -2.50
N GLY A 559 21.23 7.14 -1.18
CA GLY A 559 22.32 7.92 -0.61
C GLY A 559 22.05 9.40 -0.46
N GLU A 560 21.01 9.92 -1.10
CA GLU A 560 20.65 11.32 -0.97
C GLU A 560 19.40 11.48 -0.12
N LYS A 561 19.32 12.61 0.59
CA LYS A 561 18.18 12.92 1.44
C LYS A 561 17.08 13.68 0.71
N LYS A 562 17.45 14.56 -0.21
CA LYS A 562 16.48 15.38 -0.92
C LYS A 562 15.85 14.59 -2.07
N MET A 563 14.87 15.20 -2.73
CA MET A 563 14.26 14.63 -3.91
C MET A 563 15.12 14.96 -5.12
N ASN A 564 15.75 13.93 -5.70
CA ASN A 564 16.69 14.11 -6.79
C ASN A 564 16.06 13.65 -8.10
N VAL A 565 16.21 14.46 -9.14
CA VAL A 565 15.67 14.15 -10.46
C VAL A 565 16.76 13.78 -11.46
N THR A 566 18.03 13.77 -11.04
CA THR A 566 19.10 13.38 -11.94
C THR A 566 18.94 11.96 -12.49
N PRO A 567 18.57 10.95 -11.70
CA PRO A 567 18.36 9.62 -12.30
C PRO A 567 17.25 9.59 -13.34
N LEU A 568 16.18 10.36 -13.13
CA LEU A 568 15.10 10.42 -14.11
C LEU A 568 15.61 11.00 -15.43
N LEU A 569 16.39 12.09 -15.36
CA LEU A 569 16.93 12.68 -16.58
C LEU A 569 17.93 11.76 -17.25
N LYS A 570 18.66 10.95 -16.46
CA LYS A 570 19.62 10.02 -17.05
C LYS A 570 18.91 8.85 -17.73
N TYR A 571 17.75 8.46 -17.20
CA TYR A 571 16.99 7.37 -17.80
C TYR A 571 16.60 7.68 -19.24
N PHE A 572 16.23 8.92 -19.52
CA PHE A 572 15.79 9.34 -20.85
C PHE A 572 16.88 10.08 -21.62
N GLU A 573 18.15 9.77 -21.35
CA GLU A 573 19.25 10.48 -21.99
C GLU A 573 19.40 10.13 -23.47
N PRO A 574 19.34 8.85 -23.87
CA PRO A 574 19.34 8.58 -25.32
C PRO A 574 18.17 9.21 -26.03
N LEU A 575 16.98 9.12 -25.44
CA LEU A 575 15.82 9.79 -26.00
C LEU A 575 16.02 11.30 -26.00
N PHE A 576 16.66 11.83 -24.96
CA PHE A 576 16.93 13.27 -24.92
C PHE A 576 17.80 13.70 -26.09
N THR A 577 18.86 12.93 -26.37
CA THR A 577 19.74 13.28 -27.48
C THR A 577 19.03 13.14 -28.82
N TRP A 578 18.23 12.07 -28.98
CA TRP A 578 17.51 11.89 -30.24
C TRP A 578 16.51 13.00 -30.47
N LEU A 579 15.85 13.46 -29.39
CA LEU A 579 14.89 14.55 -29.51
C LEU A 579 15.60 15.86 -29.83
N LYS A 580 16.73 16.12 -29.17
CA LYS A 580 17.50 17.32 -29.49
C LYS A 580 17.98 17.29 -30.94
N GLU A 581 18.24 16.09 -31.46
CA GLU A 581 18.64 15.96 -32.86
C GLU A 581 17.47 16.29 -33.79
N GLN A 582 16.32 15.64 -33.59
CA GLN A 582 15.20 15.84 -34.51
C GLN A 582 14.43 17.13 -34.23
N ASN A 583 14.85 17.91 -33.24
CA ASN A 583 14.27 19.24 -33.00
C ASN A 583 15.13 20.36 -33.58
N ARG A 584 15.79 20.11 -34.71
CA ARG A 584 16.72 21.09 -35.26
C ARG A 584 16.00 22.20 -36.02
N ASN A 585 15.00 21.86 -36.83
CA ASN A 585 14.27 22.82 -37.64
C ASN A 585 12.86 23.04 -37.10
N SER A 586 12.72 23.08 -35.78
CA SER A 586 11.42 23.25 -35.14
C SER A 586 11.56 24.21 -33.96
N PHE A 587 10.43 24.59 -33.40
CA PHE A 587 10.38 25.49 -32.25
C PHE A 587 10.25 24.66 -30.98
N VAL A 588 11.27 24.74 -30.12
CA VAL A 588 11.23 24.10 -28.81
C VAL A 588 10.71 25.13 -27.80
N GLY A 589 9.58 24.82 -27.18
CA GLY A 589 8.87 25.73 -26.33
C GLY A 589 7.49 26.05 -26.86
N TRP A 590 6.67 26.61 -25.97
CA TRP A 590 5.29 26.92 -26.30
C TRP A 590 4.97 28.34 -25.90
N ASN A 591 4.33 29.08 -26.80
CA ASN A 591 3.89 30.44 -26.53
C ASN A 591 2.43 30.41 -26.10
N THR A 592 2.16 30.94 -24.91
CA THR A 592 0.80 30.97 -24.37
C THR A 592 -0.12 31.93 -25.10
N ASP A 593 0.40 32.69 -26.08
CA ASP A 593 -0.45 33.63 -26.81
C ASP A 593 -1.38 32.94 -27.79
N TRP A 594 -1.10 31.69 -28.15
CA TRP A 594 -1.93 30.99 -29.13
C TRP A 594 -3.21 30.48 -28.50
N ARG A 595 -4.31 30.61 -29.24
CA ARG A 595 -5.62 30.14 -28.81
C ARG A 595 -6.26 29.37 -29.95
N PRO A 596 -6.66 28.12 -29.74
CA PRO A 596 -7.27 27.34 -30.83
C PRO A 596 -8.71 27.71 -31.13
N TYR A 597 -9.23 28.81 -30.58
CA TYR A 597 -10.58 29.26 -30.89
C TYR A 597 -10.65 30.65 -31.47
N ALA A 598 -9.74 31.55 -31.08
CA ALA A 598 -9.70 32.92 -31.59
C ALA A 598 -11.03 33.64 -31.38
N THR B 1 2.84 -51.87 29.01
CA THR B 1 3.19 -51.76 30.41
C THR B 1 2.70 -50.45 31.01
N ASN B 2 3.59 -49.47 31.10
CA ASN B 2 3.27 -48.15 31.63
C ASN B 2 2.97 -47.22 30.46
N LEU B 3 1.79 -47.39 29.86
CA LEU B 3 1.37 -46.55 28.76
C LEU B 3 1.01 -45.16 29.27
N CYS B 4 1.47 -44.15 28.56
CA CYS B 4 1.32 -42.79 29.03
C CYS B 4 0.16 -42.09 28.32
N PRO B 5 -0.61 -41.27 29.05
CA PRO B 5 -1.77 -40.56 28.47
C PRO B 5 -1.38 -39.38 27.59
N PHE B 6 -0.71 -39.66 26.48
CA PHE B 6 -0.34 -38.61 25.54
C PHE B 6 -1.51 -38.21 24.64
N GLY B 7 -2.54 -39.05 24.55
CA GLY B 7 -3.67 -38.73 23.70
C GLY B 7 -4.53 -37.59 24.24
N GLU B 8 -4.61 -37.45 25.54
CA GLU B 8 -5.46 -36.43 26.15
C GLU B 8 -4.78 -35.07 26.25
N VAL B 9 -3.56 -34.92 25.77
CA VAL B 9 -2.86 -33.64 25.72
C VAL B 9 -2.57 -33.20 24.29
N PHE B 10 -2.16 -34.14 23.44
CA PHE B 10 -1.87 -33.80 22.05
C PHE B 10 -3.10 -33.95 21.17
N ASN B 11 -3.85 -35.04 21.35
CA ASN B 11 -5.08 -35.28 20.60
C ASN B 11 -6.31 -34.78 21.35
N ALA B 12 -6.16 -33.74 22.18
CA ALA B 12 -7.28 -33.21 22.93
C ALA B 12 -8.23 -32.46 22.01
N THR B 13 -9.48 -32.34 22.46
CA THR B 13 -10.51 -31.70 21.66
C THR B 13 -10.43 -30.18 21.76
N ARG B 14 -10.36 -29.65 22.97
CA ARG B 14 -10.33 -28.21 23.21
C ARG B 14 -9.08 -27.84 24.00
N PHE B 15 -8.51 -26.69 23.66
CA PHE B 15 -7.33 -26.17 24.35
C PHE B 15 -7.69 -24.88 25.08
N ALA B 16 -6.89 -24.57 26.09
CA ALA B 16 -7.13 -23.40 26.92
C ALA B 16 -6.39 -22.18 26.35
N SER B 17 -6.93 -21.00 26.66
CA SER B 17 -6.29 -19.76 26.24
C SER B 17 -4.91 -19.62 26.88
N VAL B 18 -4.06 -18.82 26.25
CA VAL B 18 -2.69 -18.67 26.73
C VAL B 18 -2.66 -17.98 28.09
N TYR B 19 -3.59 -17.05 28.34
CA TYR B 19 -3.67 -16.42 29.65
C TYR B 19 -4.05 -17.41 30.73
N ALA B 20 -4.82 -18.45 30.37
CA ALA B 20 -5.21 -19.49 31.31
C ALA B 20 -4.73 -20.84 30.82
N TRP B 21 -3.47 -20.91 30.39
CA TRP B 21 -2.91 -22.13 29.79
C TRP B 21 -3.15 -23.34 30.68
N ASN B 22 -3.40 -24.49 30.06
CA ASN B 22 -3.76 -25.68 30.79
C ASN B 22 -2.54 -26.56 31.02
N ARG B 23 -2.18 -26.74 32.28
CA ARG B 23 -1.02 -27.53 32.68
C ARG B 23 -1.50 -28.90 33.14
N LYS B 24 -0.97 -29.95 32.51
CA LYS B 24 -1.31 -31.33 32.87
C LYS B 24 -0.06 -32.03 33.35
N ARG B 25 -0.10 -32.54 34.59
CA ARG B 25 1.04 -33.25 35.15
C ARG B 25 0.89 -34.75 34.91
N ILE B 26 1.96 -35.37 34.41
CA ILE B 26 1.96 -36.79 34.09
C ILE B 26 3.11 -37.45 34.84
N SER B 27 2.88 -38.69 35.30
CA SER B 27 3.88 -39.44 36.05
C SER B 27 3.69 -40.93 35.78
N ASN B 28 4.53 -41.74 36.42
CA ASN B 28 4.51 -43.20 36.37
C ASN B 28 4.32 -43.71 34.95
N CYS B 29 5.25 -43.33 34.09
CA CYS B 29 5.18 -43.64 32.66
C CYS B 29 6.52 -44.19 32.20
N VAL B 30 6.46 -45.00 31.14
CA VAL B 30 7.62 -45.28 30.30
C VAL B 30 7.34 -44.59 28.96
N ALA B 31 7.81 -43.36 28.84
CA ALA B 31 7.40 -42.49 27.75
C ALA B 31 8.23 -42.74 26.49
N ASP B 32 7.70 -42.28 25.37
CA ASP B 32 8.36 -42.38 24.07
C ASP B 32 7.97 -41.15 23.26
N TYR B 33 8.81 -40.11 23.32
CA TYR B 33 8.55 -38.87 22.62
C TYR B 33 8.97 -38.91 21.15
N SER B 34 9.75 -39.92 20.76
CA SER B 34 10.08 -40.09 19.34
C SER B 34 8.84 -40.42 18.52
N VAL B 35 7.79 -40.91 19.16
CA VAL B 35 6.53 -41.19 18.47
C VAL B 35 5.98 -39.91 17.86
N LEU B 36 6.17 -38.78 18.54
CA LEU B 36 5.72 -37.49 18.03
C LEU B 36 6.82 -36.74 17.30
N TYR B 37 8.08 -36.85 17.77
CA TYR B 37 9.18 -36.15 17.11
C TYR B 37 9.39 -36.66 15.69
N ASN B 38 9.22 -37.96 15.49
CA ASN B 38 9.38 -38.57 14.17
C ASN B 38 8.05 -38.68 13.42
N SER B 39 7.11 -37.78 13.68
CA SER B 39 5.80 -37.81 13.05
C SER B 39 5.60 -36.74 11.99
N ALA B 40 6.45 -35.71 11.95
CA ALA B 40 6.41 -34.67 10.93
C ALA B 40 5.06 -33.95 10.91
N SER B 41 4.36 -33.96 12.03
CA SER B 41 3.07 -33.29 12.17
C SER B 41 3.18 -31.96 12.90
N PHE B 42 4.40 -31.47 13.11
CA PHE B 42 4.63 -30.23 13.84
C PHE B 42 5.40 -29.25 12.97
N SER B 43 5.15 -27.96 13.19
CA SER B 43 5.88 -26.92 12.49
C SER B 43 7.09 -26.43 13.27
N THR B 44 6.98 -26.36 14.59
CA THR B 44 8.06 -25.93 15.47
C THR B 44 8.31 -27.00 16.51
N PHE B 45 9.58 -27.40 16.66
CA PHE B 45 9.97 -28.38 17.68
C PHE B 45 11.36 -27.98 18.15
N LYS B 46 11.44 -27.41 19.35
CA LYS B 46 12.70 -26.89 19.87
C LYS B 46 12.88 -27.33 21.32
N CYS B 47 13.97 -28.03 21.62
CA CYS B 47 14.21 -28.58 22.95
C CYS B 47 15.46 -27.94 23.56
N TYR B 48 15.25 -27.20 24.65
CA TYR B 48 16.31 -26.52 25.38
C TYR B 48 16.67 -27.29 26.64
N GLY B 49 17.96 -27.29 26.97
CA GLY B 49 18.46 -28.02 28.11
C GLY B 49 18.87 -29.42 27.72
N VAL B 50 17.90 -30.26 27.38
CA VAL B 50 18.18 -31.60 26.90
C VAL B 50 18.00 -31.61 25.39
N SER B 51 18.81 -32.40 24.72
CA SER B 51 18.86 -32.49 23.27
C SER B 51 17.54 -32.99 22.70
N PRO B 52 17.22 -32.65 21.45
CA PRO B 52 16.02 -33.20 20.80
C PRO B 52 16.18 -34.64 20.37
N THR B 53 17.16 -35.36 20.91
CA THR B 53 17.49 -36.73 20.53
C THR B 53 16.36 -37.70 20.85
N LYS B 54 16.58 -38.99 20.57
CA LYS B 54 15.60 -40.04 20.83
C LYS B 54 15.06 -39.95 22.26
N LEU B 55 15.91 -39.52 23.19
CA LEU B 55 15.53 -39.21 24.56
C LEU B 55 15.08 -40.44 25.33
N ASN B 56 15.42 -41.63 24.82
CA ASN B 56 15.14 -42.88 25.51
C ASN B 56 16.23 -43.21 26.53
N ASP B 57 16.57 -42.24 27.37
CA ASP B 57 17.64 -42.41 28.36
C ASP B 57 17.38 -41.61 29.63
N LEU B 58 16.21 -40.99 29.76
CA LEU B 58 15.96 -40.01 30.81
C LEU B 58 14.96 -40.55 31.83
N CYS B 59 15.35 -40.52 33.10
CA CYS B 59 14.43 -40.77 34.20
C CYS B 59 13.93 -39.42 34.70
N PHE B 60 12.61 -39.30 34.87
CA PHE B 60 12.00 -38.05 35.30
C PHE B 60 11.21 -38.25 36.59
N THR B 61 11.02 -37.15 37.33
CA THR B 61 10.10 -37.16 38.46
C THR B 61 8.66 -37.06 37.98
N ASN B 62 8.33 -35.95 37.32
CA ASN B 62 7.07 -35.79 36.62
C ASN B 62 7.34 -34.99 35.36
N VAL B 63 6.33 -34.91 34.50
CA VAL B 63 6.39 -34.11 33.28
C VAL B 63 5.16 -33.21 33.24
N TYR B 64 5.38 -31.90 33.16
CA TYR B 64 4.30 -30.96 32.91
C TYR B 64 4.15 -30.77 31.42
N ALA B 65 2.90 -30.82 30.95
CA ALA B 65 2.55 -30.48 29.57
C ALA B 65 1.63 -29.28 29.64
N ASP B 66 2.15 -28.11 29.32
CA ASP B 66 1.38 -26.88 29.34
C ASP B 66 0.91 -26.61 27.92
N SER B 67 -0.39 -26.72 27.69
CA SER B 67 -0.98 -26.55 26.38
C SER B 67 -1.73 -25.22 26.33
N PHE B 68 -1.58 -24.51 25.21
CA PHE B 68 -2.32 -23.28 24.98
C PHE B 68 -2.31 -23.02 23.47
N VAL B 69 -2.89 -21.90 23.07
CA VAL B 69 -3.00 -21.52 21.67
C VAL B 69 -2.57 -20.06 21.54
N ILE B 70 -1.71 -19.77 20.56
CA ILE B 70 -1.30 -18.41 20.27
C ILE B 70 -1.35 -18.22 18.76
N ARG B 71 -0.85 -17.09 18.26
CA ARG B 71 -0.66 -16.93 16.84
C ARG B 71 0.76 -17.34 16.47
N GLY B 72 1.07 -17.29 15.17
CA GLY B 72 2.34 -17.77 14.67
C GLY B 72 3.55 -17.06 15.22
N ASP B 73 3.65 -15.75 14.96
CA ASP B 73 4.83 -14.98 15.33
C ASP B 73 5.05 -14.88 16.83
N GLU B 74 4.15 -15.41 17.65
CA GLU B 74 4.37 -15.42 19.09
C GLU B 74 4.99 -16.73 19.58
N VAL B 75 5.07 -17.75 18.72
CA VAL B 75 5.71 -18.99 19.12
C VAL B 75 7.18 -18.77 19.41
N ARG B 76 7.83 -17.86 18.66
CA ARG B 76 9.21 -17.50 18.95
C ARG B 76 9.36 -16.89 20.33
N GLN B 77 8.27 -16.38 20.91
CA GLN B 77 8.32 -15.87 22.27
C GLN B 77 8.33 -16.98 23.31
N ILE B 78 7.95 -18.20 22.91
CA ILE B 78 8.00 -19.35 23.82
C ILE B 78 9.42 -19.91 23.69
N ALA B 79 10.33 -19.31 24.45
CA ALA B 79 11.74 -19.65 24.42
C ALA B 79 12.42 -19.01 25.63
N PRO B 80 13.49 -19.62 26.15
CA PRO B 80 14.18 -19.02 27.30
C PRO B 80 14.77 -17.67 26.95
N GLY B 81 14.71 -16.75 27.91
CA GLY B 81 15.30 -15.43 27.72
C GLY B 81 14.66 -14.60 26.63
N GLN B 82 13.36 -14.75 26.44
CA GLN B 82 12.62 -13.98 25.44
C GLN B 82 11.69 -12.99 26.14
N THR B 83 11.46 -11.86 25.47
CA THR B 83 10.59 -10.82 25.99
C THR B 83 9.43 -10.61 25.03
N GLY B 84 8.31 -10.15 25.58
CA GLY B 84 7.12 -9.90 24.78
C GLY B 84 5.88 -10.14 25.61
N LYS B 85 4.73 -9.95 24.97
CA LYS B 85 3.45 -10.10 25.66
C LYS B 85 3.30 -11.49 26.24
N ILE B 86 3.51 -12.53 25.43
CA ILE B 86 3.33 -13.89 25.91
C ILE B 86 4.41 -14.26 26.92
N ALA B 87 5.62 -13.73 26.74
CA ALA B 87 6.71 -14.08 27.65
C ALA B 87 6.66 -13.29 28.94
N ASP B 88 6.15 -12.05 28.91
CA ASP B 88 6.15 -11.20 30.09
C ASP B 88 4.86 -11.30 30.89
N TYR B 89 3.70 -11.37 30.23
CA TYR B 89 2.42 -11.27 30.91
C TYR B 89 1.57 -12.54 30.83
N ASN B 90 1.93 -13.51 30.01
CA ASN B 90 1.09 -14.68 29.82
C ASN B 90 1.77 -15.99 30.22
N TYR B 91 3.00 -16.22 29.75
CA TYR B 91 3.68 -17.48 30.02
C TYR B 91 5.18 -17.23 30.12
N LYS B 92 5.75 -17.59 31.27
CA LYS B 92 7.16 -17.32 31.55
C LYS B 92 7.94 -18.63 31.57
N LEU B 93 9.08 -18.65 30.90
CA LEU B 93 9.99 -19.78 30.91
C LEU B 93 11.29 -19.37 31.57
N PRO B 94 11.68 -19.97 32.68
CA PRO B 94 12.96 -19.62 33.31
C PRO B 94 14.13 -20.06 32.44
N ASP B 95 15.27 -19.42 32.67
CA ASP B 95 16.46 -19.68 31.86
C ASP B 95 17.05 -21.07 32.10
N ASP B 96 16.56 -21.78 33.11
CA ASP B 96 16.95 -23.17 33.37
C ASP B 96 15.90 -24.15 32.87
N PHE B 97 15.27 -23.83 31.74
CA PHE B 97 14.15 -24.61 31.22
C PHE B 97 14.66 -25.89 30.58
N THR B 98 14.55 -26.99 31.32
CA THR B 98 14.91 -28.32 30.81
C THR B 98 13.65 -28.93 30.21
N GLY B 99 13.48 -28.77 28.91
CA GLY B 99 12.26 -29.23 28.26
C GLY B 99 12.25 -28.82 26.81
N CYS B 100 11.05 -28.77 26.24
CA CYS B 100 10.93 -28.36 24.84
C CYS B 100 9.53 -27.83 24.53
N VAL B 101 9.45 -27.17 23.38
CA VAL B 101 8.25 -26.54 22.88
C VAL B 101 7.90 -27.20 21.55
N ILE B 102 6.65 -27.66 21.43
CA ILE B 102 6.09 -28.20 20.20
C ILE B 102 4.95 -27.28 19.79
N ALA B 103 4.86 -26.96 18.51
CA ALA B 103 3.87 -26.01 18.06
C ALA B 103 3.47 -26.35 16.64
N TRP B 104 2.15 -26.47 16.41
CA TRP B 104 1.67 -26.82 15.08
C TRP B 104 0.54 -25.89 14.67
N ASN B 105 0.52 -25.54 13.39
CA ASN B 105 -0.53 -24.69 12.84
C ASN B 105 -1.89 -25.35 13.02
N SER B 106 -2.88 -24.54 13.37
CA SER B 106 -4.24 -25.00 13.62
C SER B 106 -5.24 -24.11 12.93
N ASN B 107 -4.99 -23.81 11.65
CA ASN B 107 -5.91 -22.99 10.87
C ASN B 107 -7.22 -23.71 10.54
N ASN B 108 -7.31 -25.01 10.81
CA ASN B 108 -8.50 -25.79 10.49
C ASN B 108 -9.39 -26.05 11.69
N LEU B 109 -8.82 -26.18 12.89
CA LEU B 109 -9.59 -26.54 14.07
C LEU B 109 -9.87 -25.38 15.00
N ASP B 110 -9.04 -24.34 15.01
CA ASP B 110 -9.19 -23.23 15.94
C ASP B 110 -9.55 -21.92 15.27
N SER B 111 -9.97 -21.97 14.01
CA SER B 111 -10.35 -20.75 13.30
C SER B 111 -11.48 -21.05 12.32
N LYS B 112 -12.53 -20.25 12.38
CA LYS B 112 -13.71 -20.45 11.56
C LYS B 112 -14.11 -19.12 10.91
N VAL B 113 -14.88 -19.22 9.83
CA VAL B 113 -15.30 -18.02 9.11
C VAL B 113 -16.10 -17.12 10.03
N GLY B 114 -15.78 -15.82 10.00
CA GLY B 114 -16.35 -14.85 10.91
C GLY B 114 -15.46 -14.54 12.09
N GLY B 115 -14.59 -15.46 12.49
CA GLY B 115 -13.64 -15.20 13.55
C GLY B 115 -13.90 -16.01 14.81
N ASN B 116 -12.87 -16.71 15.28
CA ASN B 116 -12.95 -17.48 16.53
C ASN B 116 -12.32 -16.63 17.63
N TYR B 117 -13.15 -16.18 18.58
CA TYR B 117 -12.71 -15.28 19.64
C TYR B 117 -12.75 -15.94 21.01
N ASN B 118 -12.60 -17.26 21.06
CA ASN B 118 -12.64 -17.99 22.33
C ASN B 118 -11.29 -18.03 23.03
N TYR B 119 -10.24 -17.47 22.44
CA TYR B 119 -8.90 -17.51 22.99
C TYR B 119 -8.49 -16.13 23.48
N LEU B 120 -8.03 -16.06 24.73
CA LEU B 120 -7.68 -14.80 25.37
C LEU B 120 -6.22 -14.78 25.75
N TYR B 121 -5.69 -13.56 25.94
CA TYR B 121 -4.33 -13.38 26.44
C TYR B 121 -4.27 -12.11 27.26
N ARG B 122 -3.35 -12.10 28.23
CA ARG B 122 -3.15 -10.96 29.11
C ARG B 122 -2.34 -9.90 28.38
N LEU B 123 -2.94 -8.73 28.16
CA LEU B 123 -2.28 -7.66 27.43
C LEU B 123 -1.53 -6.70 28.33
N PHE B 124 -2.03 -6.44 29.54
CA PHE B 124 -1.40 -5.52 30.47
C PHE B 124 -1.24 -6.20 31.84
N ARG B 125 -0.23 -5.76 32.58
CA ARG B 125 0.00 -6.25 33.92
C ARG B 125 0.88 -5.27 34.67
N LYS B 126 0.78 -5.31 36.01
CA LYS B 126 1.57 -4.41 36.84
C LYS B 126 3.06 -4.78 36.78
N SER B 127 3.36 -6.07 36.70
CA SER B 127 4.74 -6.53 36.66
C SER B 127 4.79 -7.84 35.89
N ASN B 128 6.00 -8.39 35.77
CA ASN B 128 6.18 -9.66 35.10
C ASN B 128 5.69 -10.80 35.99
N LEU B 129 5.86 -12.02 35.50
CA LEU B 129 5.41 -13.21 36.22
C LEU B 129 6.57 -14.03 36.74
N LYS B 130 6.29 -14.81 37.77
CA LYS B 130 7.20 -15.79 38.35
C LYS B 130 7.47 -16.88 37.31
N PRO B 131 8.44 -17.76 37.52
CA PRO B 131 8.58 -18.92 36.62
C PRO B 131 7.35 -19.82 36.72
N PHE B 132 6.72 -20.05 35.57
CA PHE B 132 5.54 -20.93 35.47
C PHE B 132 4.39 -20.47 36.36
N GLU B 133 4.16 -19.15 36.42
CA GLU B 133 3.05 -18.60 37.18
C GLU B 133 1.88 -18.33 36.27
N ARG B 134 0.67 -18.55 36.78
CA ARG B 134 -0.57 -18.27 36.06
C ARG B 134 -1.21 -17.02 36.66
N ASP B 135 -1.77 -16.17 35.79
CA ASP B 135 -2.43 -14.94 36.21
C ASP B 135 -3.84 -14.93 35.61
N ILE B 136 -4.83 -15.32 36.41
CA ILE B 136 -6.23 -15.33 35.97
C ILE B 136 -6.99 -14.13 36.49
N SER B 137 -6.44 -13.38 37.45
CA SER B 137 -7.13 -12.24 38.05
C SER B 137 -7.55 -11.24 36.99
N THR B 138 -8.86 -10.97 36.94
CA THR B 138 -9.43 -10.03 35.98
C THR B 138 -9.50 -8.60 36.51
N GLU B 139 -8.67 -8.27 37.50
CA GLU B 139 -8.66 -6.93 38.05
C GLU B 139 -8.29 -5.91 36.97
N ILE B 140 -9.04 -4.82 36.91
CA ILE B 140 -8.82 -3.81 35.88
C ILE B 140 -7.45 -3.18 36.07
N TYR B 141 -6.65 -3.19 35.02
CA TYR B 141 -5.30 -2.62 35.04
C TYR B 141 -5.40 -1.11 35.05
N GLN B 142 -5.03 -0.49 36.16
CA GLN B 142 -5.03 0.96 36.30
C GLN B 142 -3.70 1.51 35.83
N ALA B 143 -3.71 2.31 34.76
CA ALA B 143 -2.47 2.89 34.25
C ALA B 143 -1.95 4.00 35.13
N GLY B 144 -2.76 5.06 35.31
CA GLY B 144 -2.33 6.21 36.08
C GLY B 144 -2.62 6.10 37.55
N SER B 145 -3.21 7.15 38.12
CA SER B 145 -3.52 7.19 39.55
C SER B 145 -5.02 7.29 39.82
N THR B 146 -5.83 7.60 38.82
CA THR B 146 -7.27 7.67 39.03
C THR B 146 -7.86 6.27 39.16
N PRO B 147 -8.69 6.02 40.17
CA PRO B 147 -9.31 4.69 40.30
C PRO B 147 -10.34 4.44 39.22
N CYS B 148 -10.45 3.18 38.81
CA CYS B 148 -11.45 2.80 37.81
C CYS B 148 -12.82 2.53 38.39
N ASN B 149 -12.93 2.45 39.72
CA ASN B 149 -14.19 2.20 40.42
C ASN B 149 -14.77 0.84 40.05
N GLY B 150 -13.98 0.00 39.38
CA GLY B 150 -14.41 -1.32 38.98
C GLY B 150 -14.91 -1.43 37.56
N VAL B 151 -14.96 -0.33 36.81
CA VAL B 151 -15.39 -0.34 35.42
C VAL B 151 -14.39 0.44 34.59
N GLU B 152 -14.39 0.19 33.29
CA GLU B 152 -13.39 0.80 32.42
C GLU B 152 -13.67 2.28 32.24
N GLY B 153 -12.61 3.04 31.98
CA GLY B 153 -12.71 4.48 31.82
C GLY B 153 -11.41 5.11 31.36
N PHE B 154 -11.06 6.24 31.97
CA PHE B 154 -9.84 6.95 31.61
C PHE B 154 -8.63 6.18 32.13
N ASN B 155 -7.77 5.76 31.21
CA ASN B 155 -6.52 5.05 31.52
C ASN B 155 -6.75 3.76 32.30
N CYS B 156 -7.94 3.17 32.15
CA CYS B 156 -8.26 1.89 32.79
C CYS B 156 -8.71 0.93 31.70
N TYR B 157 -7.92 -0.12 31.49
CA TYR B 157 -8.19 -1.11 30.45
C TYR B 157 -8.42 -2.47 31.06
N PHE B 158 -9.04 -3.34 30.28
CA PHE B 158 -9.22 -4.74 30.68
C PHE B 158 -7.92 -5.51 30.50
N PRO B 159 -7.56 -6.38 31.44
CA PRO B 159 -6.30 -7.12 31.33
C PRO B 159 -6.36 -8.33 30.41
N LEU B 160 -7.47 -8.55 29.71
CA LEU B 160 -7.62 -9.69 28.80
C LEU B 160 -8.11 -9.21 27.44
N GLN B 161 -7.50 -9.73 26.39
CA GLN B 161 -7.90 -9.44 25.02
C GLN B 161 -8.03 -10.75 24.24
N SER B 162 -9.06 -10.85 23.41
CA SER B 162 -9.37 -12.07 22.70
C SER B 162 -8.59 -12.16 21.41
N TYR B 163 -8.24 -13.40 21.04
CA TYR B 163 -7.54 -13.66 19.78
C TYR B 163 -8.53 -13.65 18.63
N GLY B 164 -8.19 -12.93 17.56
CA GLY B 164 -9.04 -12.86 16.38
C GLY B 164 -8.67 -13.87 15.32
N PHE B 165 -8.87 -15.16 15.59
CA PHE B 165 -8.48 -16.21 14.66
C PHE B 165 -9.55 -16.39 13.58
N GLN B 166 -9.15 -16.20 12.33
CA GLN B 166 -9.97 -16.42 11.15
C GLN B 166 -9.39 -17.53 10.29
N PRO B 167 -10.14 -18.03 9.31
CA PRO B 167 -9.58 -19.11 8.47
C PRO B 167 -8.47 -18.65 7.56
N THR B 168 -8.61 -17.51 6.90
CA THR B 168 -7.60 -17.06 5.95
C THR B 168 -6.28 -16.78 6.66
N ASN B 169 -6.22 -15.70 7.45
CA ASN B 169 -5.25 -15.54 8.54
C ASN B 169 -3.83 -15.97 8.20
N GLY B 170 -3.13 -15.19 7.37
CA GLY B 170 -1.75 -15.49 7.00
C GLY B 170 -0.89 -16.01 8.13
N VAL B 171 0.09 -16.86 7.80
CA VAL B 171 0.71 -17.77 8.78
C VAL B 171 1.27 -17.05 9.99
N GLY B 172 1.50 -15.73 9.88
CA GLY B 172 1.97 -14.99 11.04
C GLY B 172 0.91 -14.88 12.13
N TYR B 173 -0.31 -14.52 11.74
CA TYR B 173 -1.42 -14.38 12.67
C TYR B 173 -2.31 -15.61 12.69
N GLN B 174 -1.87 -16.70 12.07
CA GLN B 174 -2.64 -17.93 12.05
C GLN B 174 -2.62 -18.58 13.44
N PRO B 175 -3.70 -19.24 13.83
CA PRO B 175 -3.69 -19.96 15.11
C PRO B 175 -2.65 -21.05 15.12
N TYR B 176 -2.08 -21.29 16.30
CA TYR B 176 -1.01 -22.26 16.49
C TYR B 176 -1.19 -22.88 17.85
N ARG B 177 -1.37 -24.20 17.89
CA ARG B 177 -1.48 -24.92 19.14
C ARG B 177 -0.08 -25.24 19.64
N VAL B 178 0.22 -24.84 20.88
CA VAL B 178 1.56 -24.94 21.44
C VAL B 178 1.48 -25.76 22.72
N VAL B 179 2.22 -26.86 22.75
CA VAL B 179 2.36 -27.70 23.92
C VAL B 179 3.83 -27.63 24.34
N VAL B 180 4.08 -27.13 25.55
CA VAL B 180 5.44 -27.03 26.08
C VAL B 180 5.58 -28.06 27.18
N LEU B 181 6.53 -28.98 27.00
CA LEU B 181 6.82 -30.03 27.96
C LEU B 181 8.01 -29.61 28.82
N SER B 182 7.88 -29.84 30.13
CA SER B 182 8.93 -29.54 31.09
C SER B 182 9.02 -30.73 32.05
N PHE B 183 10.13 -31.45 31.99
CA PHE B 183 10.31 -32.67 32.76
C PHE B 183 11.16 -32.32 33.98
N GLU B 184 10.56 -32.38 35.16
CA GLU B 184 11.28 -31.96 36.36
C GLU B 184 12.06 -33.12 36.95
N LEU B 185 13.15 -32.81 37.63
CA LEU B 185 14.02 -33.80 38.25
C LEU B 185 14.48 -33.26 39.60
N LEU B 186 13.94 -33.83 40.67
CA LEU B 186 14.26 -33.47 42.05
C LEU B 186 14.40 -34.75 42.87
N HIS B 187 14.45 -34.59 44.19
CA HIS B 187 14.72 -35.71 45.08
C HIS B 187 13.54 -36.68 45.10
N ALA B 188 13.55 -37.62 44.16
CA ALA B 188 12.46 -38.57 43.99
C ALA B 188 12.98 -39.86 43.38
N PRO B 189 12.23 -40.98 43.45
CA PRO B 189 12.72 -42.24 42.88
C PRO B 189 12.73 -42.25 41.35
N ALA B 190 12.37 -41.13 40.72
CA ALA B 190 12.37 -40.99 39.26
C ALA B 190 11.46 -42.04 38.61
N THR B 191 10.17 -41.91 38.94
CA THR B 191 9.16 -42.88 38.52
C THR B 191 8.88 -42.85 37.02
N VAL B 192 9.32 -41.81 36.31
CA VAL B 192 9.04 -41.64 34.89
C VAL B 192 10.36 -41.80 34.14
N CYS B 193 10.66 -43.02 33.70
CA CYS B 193 11.84 -43.29 32.88
C CYS B 193 11.45 -44.04 31.63
N GLY B 194 12.09 -43.70 30.52
CA GLY B 194 11.80 -44.30 29.25
C GLY B 194 12.39 -45.69 29.14
N PRO B 195 12.27 -46.28 27.93
CA PRO B 195 12.78 -47.62 27.64
C PRO B 195 14.30 -47.70 27.76
ZN ZN C . -0.20 0.21 -7.92
#